data_8ZIV
#
_entry.id   8ZIV
#
_cell.length_a   1.00
_cell.length_b   1.00
_cell.length_c   1.00
_cell.angle_alpha   90.00
_cell.angle_beta   90.00
_cell.angle_gamma   90.00
#
_symmetry.space_group_name_H-M   'P 1'
#
loop_
_entity.id
_entity.type
_entity.pdbx_description
1 polymer 'Enteropeptidase catalytic light chain'
2 polymer 'Enteropeptidase non-catalytic heavy chain'
3 polymer 'Serine protease 1'
4 branched beta-D-mannopyranose-(1-4)-2-acetamido-2-deoxy-beta-D-glucopyranose-(1-4)-2-acetamido-2-deoxy-beta-D-glucopyranose
5 branched 2-acetamido-2-deoxy-beta-D-glucopyranose-(1-4)-2-acetamido-2-deoxy-beta-D-glucopyranose
6 branched alpha-D-mannopyranose-(1-6)-beta-D-mannopyranose-(1-4)-2-acetamido-2-deoxy-beta-D-glucopyranose-(1-4)-2-acetamido-2-deoxy-beta-D-glucopyranose
7 branched beta-D-mannopyranose-(1-6)-2-acetamido-2-deoxy-beta-D-glucopyranose-(1-4)-2-acetamido-2-deoxy-beta-D-glucopyranose
8 branched alpha-D-mannopyranose-(1-3)-beta-D-mannopyranose-(1-4)-2-acetamido-2-deoxy-beta-D-glucopyranose-(1-4)-2-acetamido-2-deoxy-beta-D-glucopyranose
9 non-polymer 2-acetamido-2-deoxy-beta-D-glucopyranose
#
loop_
_entity_poly.entity_id
_entity_poly.type
_entity_poly.pdbx_seq_one_letter_code
_entity_poly.pdbx_strand_id
1 'polypeptide(L)'
;IVGGSNAKEGAWPWVVGLYYGGRLLCGASLVSSDWLVSAAACVYGRNLEPSKWTAILGLHMKSNLTSPQTVPRLIDEIVI
NPHYNRRRKDNAIAMMHLEFKVNYTDYIQPICLPEENQVFPPGRNCSIAGWGTVVYQGTTANILQEADVPLLSNERCQQQ
MPEYNITENMICAGYEEGGIDSCQGDAGGPLMCQENNRWFLAGVTSFGYKCALPNRPGVYARVSRFTEWIQSFLH
;
D
2 'polypeptide(L)'
;IECLPGSSPCTDALTCIKADLFCDGEVNCPDGSDEDNKMCATVCDGRFLLTGSSGSFQATHYPKPSETSVVCQWIIRVNQ
GLSIKLSFDDFNTYYTDILDIYEGVGSSKILRASIWETNPGTIRIFSNQVTATFLIESDESDYVGFNATYTAFNSSELNN
YEKINCNFEDGFCFWVQDLNDDNEWERIQGSTFSPFTGPNFDHTFGNASGFYISTPTGPGGRQERVGLLSLPLDPTLEPA
CLSFWYHMYGENVHKLSINISNDQNMEKTVFQKEGNYGDNWNYGQVTLNETVKFKVAFNAFKNKILSDIALDDISLTYGI
CNGSLYPEPTLVPTPPPELPTDCGGPFELWEPNTTFSSTNFPNSYPNLAFCVWILNAQKGKNIQLHFQEFDLENINDVVE
IRDGEEADSLLLAVYTGPGPVKDVFSTTNRMTVLLITNDVLARGGFKANFTTGYHLGIPEPCKADHFQCKNGECVPLVNL
CDGHLHCEDGSDEADCVRFFNGTTNNNGLVRFRIQSIWHTACAENWTTQISNDVCQLLGLGSGNSSKPIFPTDGGPFVKL
NTAPDGHLILTPSQQCLQDSLIRLQCNHKSCGKKLAAQDITPK
;
A
3 'polypeptide(L)'
;APFDDDDKIVGGYNCEENSVPYQVSLNSGYHFCGGSLINEQWVVSAGHCYKSRIQVRLGEHNIEVLEGNEQFINAAKIIR
HPQYDRKTLNNDIMLIKLSSRAVINARVSTISLPTAPPATGTKCLISGWGNTASSGADYPDELQCLDAPVLSQAKCEASY
PGKITSNMFCVGFLEGGKDSCQGDSGGPVVCNGQLQGVVSWGDGCAQKNKPGVYTKVYNYVKWIKNTIAANS
;
C
#
loop_
_chem_comp.id
_chem_comp.type
_chem_comp.name
_chem_comp.formula
BMA D-saccharide, beta linking beta-D-mannopyranose 'C6 H12 O6'
MAN D-saccharide, alpha linking alpha-D-mannopyranose 'C6 H12 O6'
NAG D-saccharide, beta linking 2-acetamido-2-deoxy-beta-D-glucopyranose 'C8 H15 N O6'
#
# COMPACT_ATOMS: atom_id res chain seq x y z
N ILE A 1 10.11 2.65 -14.35
CA ILE A 1 9.68 3.56 -15.40
C ILE A 1 10.61 3.41 -16.61
N VAL A 2 11.83 2.93 -16.36
CA VAL A 2 12.85 2.64 -17.36
C VAL A 2 13.37 3.93 -17.99
N GLY A 3 14.68 3.99 -18.21
CA GLY A 3 15.33 5.14 -18.83
C GLY A 3 16.14 5.99 -17.89
N GLY A 4 16.06 5.78 -16.59
CA GLY A 4 16.82 6.58 -15.65
C GLY A 4 18.30 6.28 -15.69
N SER A 5 19.08 7.23 -15.17
CA SER A 5 20.52 7.11 -15.13
C SER A 5 21.04 7.85 -13.90
N ASN A 6 22.35 7.76 -13.68
CA ASN A 6 22.96 8.42 -12.54
C ASN A 6 22.96 9.94 -12.71
N ALA A 7 22.82 10.64 -11.59
CA ALA A 7 22.82 12.10 -11.57
C ALA A 7 23.98 12.60 -10.71
N LYS A 8 24.80 13.47 -11.28
CA LYS A 8 25.92 14.04 -10.55
C LYS A 8 25.45 15.04 -9.50
N GLU A 9 26.29 15.26 -8.50
CA GLU A 9 25.98 16.22 -7.45
C GLU A 9 25.97 17.63 -8.03
N GLY A 10 24.89 18.36 -7.79
CA GLY A 10 24.75 19.70 -8.32
C GLY A 10 24.36 19.79 -9.77
N ALA A 11 24.06 18.65 -10.41
CA ALA A 11 23.68 18.66 -11.82
C ALA A 11 22.34 19.39 -12.02
N TRP A 12 21.40 19.20 -11.11
CA TRP A 12 20.07 19.80 -11.21
C TRP A 12 19.76 20.54 -9.91
N PRO A 13 20.35 21.71 -9.71
CA PRO A 13 20.12 22.45 -8.45
C PRO A 13 18.68 22.92 -8.27
N TRP A 14 17.90 23.04 -9.33
CA TRP A 14 16.54 23.56 -9.23
C TRP A 14 15.49 22.47 -9.02
N VAL A 15 15.91 21.22 -8.88
CA VAL A 15 14.98 20.11 -8.64
C VAL A 15 14.87 19.90 -7.13
N VAL A 16 13.65 19.96 -6.61
CA VAL A 16 13.39 19.79 -5.19
C VAL A 16 12.30 18.75 -5.02
N GLY A 17 12.25 18.16 -3.82
CA GLY A 17 11.30 17.12 -3.50
C GLY A 17 10.29 17.61 -2.48
N LEU A 18 9.06 17.09 -2.59
CA LEU A 18 7.97 17.44 -1.69
C LEU A 18 7.57 16.21 -0.89
N TYR A 19 7.54 16.35 0.44
CA TYR A 19 7.19 15.27 1.34
C TYR A 19 5.91 15.61 2.08
N TYR A 20 4.94 14.69 2.05
CA TYR A 20 3.67 14.84 2.73
C TYR A 20 3.48 13.64 3.64
N GLY A 21 3.49 13.88 4.95
CA GLY A 21 3.33 12.81 5.92
C GLY A 21 4.54 11.92 6.11
N GLY A 22 5.70 12.33 5.60
CA GLY A 22 6.92 11.56 5.73
C GLY A 22 7.29 10.75 4.51
N ARG A 23 6.57 10.87 3.40
CA ARG A 23 6.85 10.15 2.18
C ARG A 23 6.95 11.11 1.01
N LEU A 24 7.82 10.79 0.06
CA LEU A 24 7.99 11.60 -1.15
C LEU A 24 6.81 11.35 -2.07
N LEU A 25 5.87 12.30 -2.10
CA LEU A 25 4.65 12.16 -2.89
C LEU A 25 4.75 12.78 -4.27
N CYS A 26 5.47 13.89 -4.41
CA CYS A 26 5.52 14.61 -5.68
C CYS A 26 6.85 15.35 -5.77
N GLY A 27 7.01 16.16 -6.82
CA GLY A 27 8.19 16.95 -7.02
C GLY A 27 7.84 18.38 -7.38
N ALA A 28 8.86 19.25 -7.33
CA ALA A 28 8.67 20.66 -7.60
C ALA A 28 9.97 21.24 -8.13
N SER A 29 9.90 22.48 -8.59
CA SER A 29 11.04 23.21 -9.13
C SER A 29 11.20 24.52 -8.41
N LEU A 30 12.46 24.94 -8.22
CA LEU A 30 12.77 26.20 -7.56
C LEU A 30 12.88 27.31 -8.60
N VAL A 31 11.99 28.29 -8.50
CA VAL A 31 11.96 29.41 -9.43
C VAL A 31 12.44 30.70 -8.76
N SER A 32 11.96 30.98 -7.54
CA SER A 32 12.37 32.18 -6.82
C SER A 32 12.89 31.81 -5.44
N SER A 33 13.15 32.83 -4.61
CA SER A 33 13.69 32.60 -3.28
C SER A 33 12.63 32.16 -2.28
N ASP A 34 11.35 32.25 -2.62
CA ASP A 34 10.30 31.88 -1.67
C ASP A 34 9.14 31.12 -2.30
N TRP A 35 9.24 30.73 -3.57
CA TRP A 35 8.15 30.04 -4.26
C TRP A 35 8.67 28.82 -5.00
N LEU A 36 7.79 27.83 -5.14
CA LEU A 36 8.06 26.62 -5.90
C LEU A 36 6.92 26.38 -6.88
N VAL A 37 7.23 25.66 -7.95
CA VAL A 37 6.25 25.29 -8.97
C VAL A 37 6.15 23.78 -9.01
N SER A 38 4.96 23.25 -8.78
CA SER A 38 4.72 21.81 -8.75
C SER A 38 3.42 21.50 -9.46
N ALA A 39 3.16 20.21 -9.64
CA ALA A 39 1.94 19.78 -10.30
C ALA A 39 0.74 19.98 -9.38
N ALA A 40 -0.35 20.49 -9.95
CA ALA A 40 -1.56 20.71 -9.17
C ALA A 40 -2.30 19.41 -8.88
N ALA A 41 -2.15 18.41 -9.74
CA ALA A 41 -2.84 17.13 -9.53
C ALA A 41 -2.32 16.42 -8.28
N CYS A 42 -1.01 16.45 -8.06
CA CYS A 42 -0.44 15.71 -6.93
C CYS A 42 -0.57 16.44 -5.61
N VAL A 43 -0.89 17.74 -5.62
CA VAL A 43 -1.12 18.49 -4.40
C VAL A 43 -2.60 18.77 -4.15
N TYR A 44 -3.48 18.27 -5.02
CA TYR A 44 -4.91 18.48 -4.84
C TYR A 44 -5.41 17.73 -3.61
N GLY A 45 -6.29 18.38 -2.86
CA GLY A 45 -6.86 17.76 -1.67
C GLY A 45 -5.98 17.80 -0.44
N ARG A 46 -4.85 18.53 -0.49
CA ARG A 46 -3.96 18.63 0.65
C ARG A 46 -3.52 20.08 0.89
N ASN A 47 -4.21 21.04 0.28
CA ASN A 47 -3.84 22.45 0.40
C ASN A 47 -4.41 23.11 1.65
N LEU A 48 -5.31 22.46 2.37
CA LEU A 48 -5.89 23.06 3.56
C LEU A 48 -4.89 23.10 4.72
N GLU A 49 -3.90 22.20 4.71
CA GLU A 49 -2.92 22.10 5.78
C GLU A 49 -1.53 22.13 5.16
N PRO A 50 -1.03 23.33 4.80
CA PRO A 50 0.32 23.42 4.22
C PRO A 50 1.42 22.97 5.16
N SER A 51 1.17 22.96 6.48
CA SER A 51 2.20 22.58 7.44
C SER A 51 2.63 21.13 7.30
N LYS A 52 1.78 20.27 6.74
CA LYS A 52 2.14 18.87 6.56
C LYS A 52 3.00 18.62 5.34
N TRP A 53 3.25 19.64 4.52
CA TRP A 53 4.11 19.50 3.36
C TRP A 53 5.54 19.89 3.72
N THR A 54 6.48 19.00 3.44
CA THR A 54 7.90 19.23 3.72
C THR A 54 8.61 19.43 2.38
N ALA A 55 9.25 20.58 2.22
CA ALA A 55 9.97 20.92 1.00
C ALA A 55 11.46 20.71 1.25
N ILE A 56 12.06 19.80 0.49
CA ILE A 56 13.48 19.48 0.62
C ILE A 56 14.18 20.05 -0.61
N LEU A 57 15.06 21.03 -0.39
CA LEU A 57 15.77 21.71 -1.46
C LEU A 57 17.20 21.18 -1.52
N GLY A 58 17.65 20.86 -2.74
CA GLY A 58 18.97 20.30 -2.92
C GLY A 58 19.08 18.82 -2.63
N LEU A 59 17.96 18.10 -2.55
CA LEU A 59 18.01 16.68 -2.27
C LEU A 59 18.68 15.93 -3.41
N HIS A 60 19.53 14.98 -3.05
CA HIS A 60 20.26 14.17 -4.03
C HIS A 60 19.99 12.68 -3.90
N MET A 61 19.84 12.17 -2.67
CA MET A 61 19.54 10.77 -2.44
C MET A 61 18.38 10.66 -1.47
N LYS A 62 17.59 9.59 -1.63
CA LYS A 62 16.40 9.42 -0.81
C LYS A 62 16.75 9.21 0.66
N SER A 63 17.79 8.44 0.94
CA SER A 63 18.15 8.07 2.30
C SER A 63 19.46 8.71 2.76
N ASN A 64 19.78 9.89 2.22
CA ASN A 64 21.00 10.60 2.58
C ASN A 64 20.70 12.07 2.83
N LEU A 65 19.67 12.34 3.62
CA LEU A 65 19.29 13.71 3.94
C LEU A 65 20.10 14.25 5.11
N THR A 66 21.44 14.17 5.01
CA THR A 66 22.32 14.63 6.07
C THR A 66 23.41 15.59 5.60
N SER A 67 23.61 15.74 4.29
CA SER A 67 24.63 16.66 3.81
C SER A 67 24.24 18.10 4.09
N PRO A 68 25.20 18.96 4.44
CA PRO A 68 24.87 20.37 4.68
C PRO A 68 24.37 21.10 3.44
N GLN A 69 24.64 20.57 2.24
CA GLN A 69 24.19 21.23 1.02
C GLN A 69 22.68 21.23 0.88
N THR A 70 21.97 20.39 1.63
CA THR A 70 20.52 20.29 1.57
C THR A 70 19.93 21.05 2.75
N VAL A 71 19.06 22.01 2.46
CA VAL A 71 18.42 22.85 3.47
C VAL A 71 16.92 22.59 3.42
N PRO A 72 16.38 21.82 4.37
CA PRO A 72 14.93 21.59 4.39
C PRO A 72 14.17 22.87 4.73
N ARG A 73 12.96 22.96 4.18
CA ARG A 73 12.10 24.11 4.41
C ARG A 73 10.65 23.66 4.47
N LEU A 74 9.82 24.47 5.11
CA LEU A 74 8.40 24.20 5.25
C LEU A 74 7.61 25.05 4.26
N ILE A 75 6.32 24.71 4.13
CA ILE A 75 5.41 25.40 3.23
C ILE A 75 4.28 26.01 4.06
N ASP A 76 4.03 27.31 3.87
CA ASP A 76 2.99 28.02 4.59
C ASP A 76 1.78 28.36 3.72
N GLU A 77 1.99 28.68 2.45
CA GLU A 77 0.91 29.05 1.55
C GLU A 77 0.93 28.15 0.33
N ILE A 78 -0.22 27.58 -0.02
CA ILE A 78 -0.37 26.73 -1.19
C ILE A 78 -1.47 27.33 -2.07
N VAL A 79 -1.14 27.57 -3.34
CA VAL A 79 -2.09 28.14 -4.29
C VAL A 79 -2.17 27.20 -5.49
N ILE A 80 -3.39 26.96 -5.96
CA ILE A 80 -3.65 26.10 -7.10
C ILE A 80 -4.23 26.95 -8.23
N ASN A 81 -3.79 26.69 -9.44
CA ASN A 81 -4.25 27.46 -10.60
C ASN A 81 -5.76 27.33 -10.72
N PRO A 82 -6.50 28.43 -10.79
CA PRO A 82 -7.97 28.33 -10.88
C PRO A 82 -8.47 27.61 -12.11
N HIS A 83 -7.67 27.53 -13.17
CA HIS A 83 -8.09 26.88 -14.41
C HIS A 83 -7.99 25.37 -14.36
N TYR A 84 -7.51 24.80 -13.26
CA TYR A 84 -7.43 23.35 -13.13
C TYR A 84 -8.82 22.73 -13.09
N ASN A 85 -8.93 21.54 -13.67
CA ASN A 85 -10.23 20.89 -13.83
C ASN A 85 -10.35 19.56 -13.10
N ARG A 86 -9.28 18.77 -13.06
CA ARG A 86 -9.22 17.47 -12.37
C ARG A 86 -10.04 16.41 -13.10
N ARG A 87 -10.78 16.82 -14.14
CA ARG A 87 -11.48 15.89 -15.01
C ARG A 87 -10.85 15.75 -16.38
N ARG A 88 -10.44 16.86 -16.99
CA ARG A 88 -9.67 16.83 -18.23
C ARG A 88 -8.16 16.84 -17.98
N LYS A 89 -7.74 16.94 -16.72
CA LYS A 89 -6.32 17.03 -16.36
C LYS A 89 -5.64 18.20 -17.08
N ASP A 90 -6.35 19.33 -17.16
CA ASP A 90 -5.86 20.52 -17.82
C ASP A 90 -5.25 21.48 -16.80
N ASN A 91 -4.07 22.02 -17.13
CA ASN A 91 -3.41 23.06 -16.34
C ASN A 91 -3.14 22.56 -14.92
N ALA A 92 -2.39 21.46 -14.84
CA ALA A 92 -2.03 20.86 -13.56
C ALA A 92 -0.71 21.46 -13.06
N ILE A 93 -0.77 22.75 -12.75
CA ILE A 93 0.36 23.49 -12.22
C ILE A 93 -0.10 24.27 -10.99
N ALA A 94 0.61 24.09 -9.88
CA ALA A 94 0.32 24.80 -8.64
C ALA A 94 1.61 25.32 -8.04
N MET A 95 1.51 26.41 -7.28
CA MET A 95 2.66 27.04 -6.65
C MET A 95 2.58 26.90 -5.14
N MET A 96 3.73 26.69 -4.52
CA MET A 96 3.85 26.54 -3.07
C MET A 96 4.85 27.56 -2.55
N HIS A 97 4.45 28.28 -1.49
CA HIS A 97 5.28 29.33 -0.91
C HIS A 97 6.12 28.76 0.22
N LEU A 98 7.41 29.09 0.21
CA LEU A 98 8.32 28.61 1.25
C LEU A 98 8.03 29.33 2.57
N GLU A 99 8.63 28.80 3.63
CA GLU A 99 8.39 29.34 4.97
C GLU A 99 8.87 30.79 5.09
N PHE A 100 10.18 31.00 5.03
CA PHE A 100 10.73 32.36 5.05
C PHE A 100 11.46 32.69 3.76
N LYS A 101 12.48 31.91 3.39
CA LYS A 101 13.30 32.14 2.21
C LYS A 101 14.33 31.02 2.14
N VAL A 102 15.09 31.01 1.05
CA VAL A 102 16.20 30.08 0.88
C VAL A 102 17.40 30.84 0.33
N ASN A 103 18.57 30.61 0.91
CA ASN A 103 19.79 31.24 0.42
C ASN A 103 20.29 30.51 -0.81
N TYR A 104 20.64 31.27 -1.84
CA TYR A 104 21.18 30.67 -3.06
C TYR A 104 22.56 30.10 -2.81
N THR A 105 22.82 28.93 -3.38
CA THR A 105 24.12 28.27 -3.24
C THR A 105 24.39 27.47 -4.51
N ASP A 106 25.50 26.74 -4.51
CA ASP A 106 25.89 25.97 -5.68
C ASP A 106 24.90 24.86 -5.99
N TYR A 107 24.42 24.16 -4.96
CA TYR A 107 23.53 23.03 -5.14
C TYR A 107 22.06 23.41 -5.10
N ILE A 108 21.73 24.68 -4.87
CA ILE A 108 20.36 25.16 -4.85
C ILE A 108 20.32 26.44 -5.68
N GLN A 109 19.81 26.36 -6.90
CA GLN A 109 19.76 27.48 -7.82
C GLN A 109 18.38 27.57 -8.44
N PRO A 110 17.94 28.78 -8.81
CA PRO A 110 16.66 28.92 -9.50
C PRO A 110 16.77 28.55 -10.97
N ILE A 111 15.61 28.43 -11.62
CA ILE A 111 15.51 28.08 -13.02
C ILE A 111 14.74 29.18 -13.75
N CYS A 112 15.26 29.59 -14.91
CA CYS A 112 14.63 30.66 -15.67
C CYS A 112 13.32 30.19 -16.29
N LEU A 113 12.30 31.05 -16.22
CA LEU A 113 11.03 30.78 -16.86
C LEU A 113 11.11 31.12 -18.35
N PRO A 114 10.34 30.41 -19.19
CA PRO A 114 10.29 30.77 -20.60
C PRO A 114 9.74 32.18 -20.79
N GLU A 115 10.29 32.90 -21.77
CA GLU A 115 9.87 34.26 -22.04
C GLU A 115 8.60 34.26 -22.88
N GLU A 116 8.12 35.46 -23.20
CA GLU A 116 6.92 35.61 -24.03
C GLU A 116 7.20 35.16 -25.46
N ASN A 117 6.26 34.42 -26.03
CA ASN A 117 6.36 33.90 -27.40
C ASN A 117 7.63 33.09 -27.59
N GLN A 118 7.98 32.29 -26.59
CA GLN A 118 9.14 31.40 -26.64
C GLN A 118 8.64 29.96 -26.58
N VAL A 119 8.73 29.26 -27.71
CA VAL A 119 8.30 27.87 -27.81
C VAL A 119 9.49 27.03 -28.26
N PHE A 120 9.79 25.99 -27.51
CA PHE A 120 10.86 25.08 -27.89
C PHE A 120 10.41 24.22 -29.06
N PRO A 121 11.17 24.16 -30.15
CA PRO A 121 10.73 23.39 -31.31
C PRO A 121 10.61 21.93 -30.97
N PRO A 122 9.66 21.22 -31.57
CA PRO A 122 9.53 19.78 -31.33
C PRO A 122 10.72 19.01 -31.90
N GLY A 123 11.02 17.89 -31.27
CA GLY A 123 12.15 17.07 -31.66
C GLY A 123 13.46 17.42 -31.00
N ARG A 124 13.51 18.50 -30.23
CA ARG A 124 14.73 18.88 -29.51
C ARG A 124 14.83 18.09 -28.22
N ASN A 125 15.97 17.44 -28.02
CA ASN A 125 16.18 16.65 -26.82
C ASN A 125 16.18 17.54 -25.58
N CYS A 126 15.45 17.11 -24.55
CA CYS A 126 15.41 17.82 -23.28
C CYS A 126 15.54 16.81 -22.16
N SER A 127 16.05 17.29 -21.02
CA SER A 127 16.29 16.42 -19.87
C SER A 127 15.06 16.33 -18.99
N ILE A 128 14.95 15.22 -18.25
CA ILE A 128 13.89 15.00 -17.29
C ILE A 128 14.52 14.59 -15.96
N ALA A 129 13.79 14.85 -14.89
CA ALA A 129 14.28 14.55 -13.54
C ALA A 129 13.14 14.04 -12.68
N GLY A 130 13.49 13.31 -11.66
CA GLY A 130 12.52 12.75 -10.74
C GLY A 130 13.06 11.52 -10.05
N TRP A 131 12.44 11.18 -8.92
CA TRP A 131 12.80 9.97 -8.18
C TRP A 131 11.83 8.84 -8.55
N GLY A 132 11.92 8.45 -9.81
CA GLY A 132 11.05 7.41 -10.35
C GLY A 132 11.55 6.01 -10.01
N THR A 133 10.91 5.04 -10.65
CA THR A 133 11.20 3.63 -10.42
C THR A 133 11.83 3.02 -11.67
N VAL A 134 12.46 1.87 -11.48
CA VAL A 134 13.03 1.14 -12.60
C VAL A 134 11.95 0.34 -13.34
N VAL A 135 11.15 -0.41 -12.59
CA VAL A 135 10.01 -1.13 -13.15
C VAL A 135 8.83 -0.18 -13.24
N TYR A 136 7.76 -0.60 -13.92
CA TYR A 136 6.60 0.27 -14.12
C TYR A 136 5.96 0.65 -12.79
N GLN A 137 5.82 -0.30 -11.87
CA GLN A 137 5.26 -0.05 -10.55
C GLN A 137 6.11 -0.71 -9.49
N GLY A 138 6.38 0.03 -8.42
CA GLY A 138 7.16 -0.48 -7.31
C GLY A 138 8.67 -0.29 -7.52
N THR A 139 9.41 -0.65 -6.47
CA THR A 139 10.88 -0.57 -6.47
C THR A 139 11.35 0.85 -6.78
N THR A 140 11.01 1.77 -5.88
CA THR A 140 11.41 3.16 -6.05
C THR A 140 12.91 3.32 -5.89
N ALA A 141 13.51 4.08 -6.82
CA ALA A 141 14.95 4.30 -6.80
C ALA A 141 15.31 5.39 -5.79
N ASN A 142 16.38 5.15 -5.04
CA ASN A 142 16.86 6.09 -4.03
C ASN A 142 17.79 7.16 -4.61
N ILE A 143 18.11 7.07 -5.90
CA ILE A 143 19.02 8.01 -6.55
C ILE A 143 18.26 8.74 -7.65
N LEU A 144 18.43 10.06 -7.70
CA LEU A 144 17.76 10.87 -8.72
C LEU A 144 18.17 10.39 -10.11
N GLN A 145 17.18 10.23 -10.99
CA GLN A 145 17.40 9.75 -12.34
C GLN A 145 17.28 10.90 -13.34
N GLU A 146 18.01 10.78 -14.45
CA GLU A 146 17.98 11.77 -15.51
C GLU A 146 17.96 11.06 -16.86
N ALA A 147 17.24 11.64 -17.81
CA ALA A 147 17.14 11.07 -19.15
C ALA A 147 16.83 12.19 -20.14
N ASP A 148 17.16 11.93 -21.40
CA ASP A 148 16.94 12.89 -22.48
C ASP A 148 15.87 12.35 -23.41
N VAL A 149 14.86 13.18 -23.70
CA VAL A 149 13.76 12.79 -24.56
C VAL A 149 13.33 13.98 -25.41
N PRO A 150 13.26 13.83 -26.73
CA PRO A 150 12.84 14.96 -27.57
C PRO A 150 11.35 15.25 -27.41
N LEU A 151 10.99 16.51 -27.64
CA LEU A 151 9.61 16.93 -27.56
C LEU A 151 8.81 16.37 -28.73
N LEU A 152 7.54 16.08 -28.48
CA LEU A 152 6.63 15.56 -29.49
C LEU A 152 5.54 16.58 -29.75
N SER A 153 5.29 16.85 -31.03
CA SER A 153 4.26 17.82 -31.40
C SER A 153 2.88 17.32 -30.98
N ASN A 154 2.02 18.27 -30.58
CA ASN A 154 0.69 17.90 -30.11
C ASN A 154 -0.19 17.33 -31.21
N GLU A 155 0.11 17.64 -32.48
CA GLU A 155 -0.69 17.11 -33.57
C GLU A 155 -0.66 15.59 -33.61
N ARG A 156 0.53 15.01 -33.42
CA ARG A 156 0.63 13.56 -33.31
C ARG A 156 0.30 13.07 -31.91
N CYS A 157 0.46 13.92 -30.89
CA CYS A 157 0.17 13.50 -29.52
C CYS A 157 -1.32 13.23 -29.32
N GLN A 158 -2.18 14.08 -29.91
CA GLN A 158 -3.62 13.87 -29.76
C GLN A 158 -4.08 12.61 -30.48
N GLN A 159 -3.36 12.17 -31.50
CA GLN A 159 -3.71 10.96 -32.23
C GLN A 159 -3.14 9.71 -31.58
N GLN A 160 -1.94 9.80 -31.01
CA GLN A 160 -1.34 8.64 -30.35
C GLN A 160 -2.04 8.26 -29.05
N MET A 161 -2.72 9.22 -28.41
CA MET A 161 -3.48 8.97 -27.19
C MET A 161 -4.88 9.56 -27.37
N PRO A 162 -5.77 8.85 -28.08
CA PRO A 162 -7.13 9.33 -28.32
C PRO A 162 -8.06 9.15 -27.12
N GLU A 163 -7.62 9.66 -25.97
CA GLU A 163 -8.39 9.57 -24.73
C GLU A 163 -8.56 10.90 -24.01
N TYR A 164 -7.82 11.95 -24.41
CA TYR A 164 -7.92 13.23 -23.73
C TYR A 164 -8.09 14.36 -24.74
N ASN A 165 -8.08 15.60 -24.27
CA ASN A 165 -8.23 16.75 -25.16
C ASN A 165 -6.89 17.33 -25.60
N ILE A 166 -5.84 17.17 -24.78
CA ILE A 166 -4.48 17.59 -25.10
C ILE A 166 -4.43 19.10 -25.35
N THR A 167 -5.08 19.55 -26.41
CA THR A 167 -5.19 20.95 -26.86
C THR A 167 -3.79 21.60 -26.87
N GLU A 168 -3.72 22.92 -26.75
CA GLU A 168 -2.47 23.65 -26.79
C GLU A 168 -1.90 23.93 -25.40
N ASN A 169 -2.52 23.40 -24.35
CA ASN A 169 -2.08 23.64 -22.98
C ASN A 169 -1.18 22.53 -22.45
N MET A 170 -0.77 21.59 -23.30
CA MET A 170 0.08 20.48 -22.89
C MET A 170 1.24 20.33 -23.86
N ILE A 171 2.36 19.83 -23.34
CA ILE A 171 3.53 19.51 -24.14
C ILE A 171 3.84 18.03 -23.95
N CYS A 172 3.97 17.31 -25.07
CA CYS A 172 4.19 15.87 -25.04
C CYS A 172 5.63 15.55 -25.39
N ALA A 173 6.23 14.63 -24.66
CA ALA A 173 7.57 14.14 -24.93
C ALA A 173 7.58 12.63 -24.84
N GLY A 174 8.22 11.99 -25.81
CA GLY A 174 8.27 10.55 -25.83
C GLY A 174 9.04 10.04 -27.03
N TYR A 175 9.02 8.72 -27.20
CA TYR A 175 9.72 8.05 -28.28
C TYR A 175 8.75 7.17 -29.05
N GLU A 176 9.04 6.97 -30.33
CA GLU A 176 8.25 6.05 -31.14
C GLU A 176 8.36 4.62 -30.60
N GLU A 177 9.57 4.21 -30.21
CA GLU A 177 9.79 2.90 -29.64
C GLU A 177 9.70 2.90 -28.12
N GLY A 178 9.47 4.05 -27.49
CA GLY A 178 9.36 4.10 -26.05
C GLY A 178 10.71 3.90 -25.37
N GLY A 179 10.62 3.56 -24.08
CA GLY A 179 11.81 3.29 -23.29
C GLY A 179 12.13 4.35 -22.27
N ILE A 180 11.87 5.62 -22.61
CA ILE A 180 12.16 6.75 -21.73
C ILE A 180 10.86 7.48 -21.46
N ASP A 181 10.50 7.60 -20.18
CA ASP A 181 9.30 8.31 -19.78
C ASP A 181 9.44 8.72 -18.32
N SER A 182 8.61 9.68 -17.91
CA SER A 182 8.58 10.11 -16.51
C SER A 182 7.16 10.41 -16.04
N CYS A 183 6.13 10.07 -16.81
CA CYS A 183 4.77 10.48 -16.48
C CYS A 183 4.28 9.84 -15.18
N GLN A 184 4.53 8.55 -14.98
CA GLN A 184 4.01 7.82 -13.84
C GLN A 184 5.14 7.49 -12.86
N GLY A 185 4.78 6.76 -11.80
CA GLY A 185 5.71 6.43 -10.75
C GLY A 185 5.85 7.56 -9.74
N ASP A 186 6.55 8.63 -10.12
CA ASP A 186 6.70 9.81 -9.29
C ASP A 186 7.24 10.93 -10.15
N ALA A 187 6.62 12.10 -10.06
CA ALA A 187 7.06 13.25 -10.84
C ALA A 187 8.48 13.64 -10.47
N GLY A 188 8.68 14.08 -9.23
CA GLY A 188 10.01 14.33 -8.69
C GLY A 188 10.80 15.40 -9.40
N GLY A 189 10.16 16.19 -10.26
CA GLY A 189 10.84 17.21 -11.00
C GLY A 189 10.17 17.56 -12.32
N PRO A 190 10.47 18.73 -12.85
CA PRO A 190 9.83 19.18 -14.09
C PRO A 190 10.60 18.79 -15.34
N LEU A 191 10.08 19.16 -16.50
CA LEU A 191 10.76 18.97 -17.78
C LEU A 191 11.58 20.20 -18.10
N MET A 192 12.87 20.01 -18.35
CA MET A 192 13.82 21.10 -18.53
C MET A 192 14.43 21.05 -19.93
N CYS A 193 14.42 22.18 -20.61
CA CYS A 193 15.04 22.32 -21.93
C CYS A 193 16.08 23.42 -21.88
N GLN A 194 17.20 23.20 -22.57
CA GLN A 194 18.30 24.14 -22.63
C GLN A 194 18.60 24.50 -24.07
N GLU A 195 18.64 25.81 -24.29
CA GLU A 195 18.98 26.52 -25.55
C GLU A 195 20.03 27.58 -25.21
N ASN A 196 20.66 28.23 -26.19
CA ASN A 196 21.77 29.18 -25.91
C ASN A 196 22.85 28.49 -25.08
N ASN A 197 22.71 28.56 -23.75
CA ASN A 197 23.65 27.97 -22.75
C ASN A 197 23.00 28.02 -21.36
N ARG A 198 21.69 27.77 -21.28
CA ARG A 198 21.01 27.79 -19.99
C ARG A 198 19.72 26.99 -20.10
N TRP A 199 19.39 26.28 -19.02
CA TRP A 199 18.16 25.50 -18.97
C TRP A 199 16.96 26.43 -18.74
N PHE A 200 15.76 25.88 -18.97
CA PHE A 200 14.53 26.61 -18.79
C PHE A 200 13.45 25.67 -18.28
N LEU A 201 12.42 26.26 -17.65
CA LEU A 201 11.28 25.50 -17.15
C LEU A 201 10.29 25.27 -18.30
N ALA A 202 10.70 24.39 -19.22
CA ALA A 202 9.89 24.15 -20.41
C ALA A 202 8.58 23.44 -20.05
N GLY A 203 8.63 22.45 -19.17
CA GLY A 203 7.45 21.68 -18.84
C GLY A 203 7.49 21.15 -17.42
N VAL A 204 6.32 20.75 -16.94
CA VAL A 204 6.15 20.15 -15.62
C VAL A 204 5.60 18.75 -15.80
N THR A 205 6.12 17.79 -15.04
CA THR A 205 5.71 16.40 -15.17
C THR A 205 4.20 16.27 -14.96
N SER A 206 3.55 15.57 -15.88
CA SER A 206 2.09 15.44 -15.87
C SER A 206 1.68 13.98 -16.02
N PHE A 207 0.38 13.76 -16.27
CA PHE A 207 -0.17 12.42 -16.37
C PHE A 207 0.41 11.68 -17.59
N GLY A 208 0.04 10.42 -17.72
CA GLY A 208 0.47 9.62 -18.85
C GLY A 208 -0.33 8.33 -18.91
N TYR A 209 -0.11 7.60 -20.00
CA TYR A 209 -0.82 6.34 -20.21
C TYR A 209 0.01 5.14 -19.75
N LYS A 210 1.24 5.03 -20.22
CA LYS A 210 2.09 3.90 -19.86
C LYS A 210 3.55 4.35 -19.92
N CYS A 211 4.40 3.60 -19.22
CA CYS A 211 5.83 3.90 -19.15
C CYS A 211 6.59 2.90 -20.00
N ALA A 212 7.54 3.42 -20.80
CA ALA A 212 8.39 2.60 -21.65
C ALA A 212 7.57 1.73 -22.61
N LEU A 213 6.48 2.29 -23.12
CA LEU A 213 5.64 1.60 -24.09
C LEU A 213 5.61 2.38 -25.40
N PRO A 214 5.75 1.70 -26.54
CA PRO A 214 5.74 2.42 -27.82
C PRO A 214 4.41 3.09 -28.09
N ASN A 215 4.48 4.23 -28.78
CA ASN A 215 3.30 5.01 -29.16
C ASN A 215 2.51 5.46 -27.92
N ARG A 216 3.23 5.73 -26.83
CA ARG A 216 2.64 6.21 -25.58
C ARG A 216 3.37 7.48 -25.16
N PRO A 217 3.00 8.63 -25.74
CA PRO A 217 3.69 9.87 -25.40
C PRO A 217 3.48 10.25 -23.94
N GLY A 218 4.49 10.90 -23.37
CA GLY A 218 4.42 11.40 -22.01
C GLY A 218 3.98 12.85 -21.98
N VAL A 219 2.89 13.11 -21.27
CA VAL A 219 2.32 14.45 -21.21
C VAL A 219 3.06 15.27 -20.16
N TYR A 220 3.37 16.52 -20.50
CA TYR A 220 3.96 17.46 -19.58
C TYR A 220 3.18 18.77 -19.63
N ALA A 221 3.07 19.42 -18.47
CA ALA A 221 2.33 20.67 -18.39
C ALA A 221 3.11 21.80 -19.03
N ARG A 222 2.46 22.55 -19.90
CA ARG A 222 3.10 23.65 -20.62
C ARG A 222 3.26 24.84 -19.68
N VAL A 223 4.46 25.43 -19.68
CA VAL A 223 4.75 26.57 -18.81
C VAL A 223 4.93 27.88 -19.58
N SER A 224 5.05 27.82 -20.91
CA SER A 224 5.24 29.04 -21.68
C SER A 224 4.04 29.97 -21.56
N ARG A 225 2.83 29.41 -21.60
CA ARG A 225 1.62 30.22 -21.47
C ARG A 225 1.29 30.58 -20.03
N PHE A 226 1.90 29.91 -19.06
CA PHE A 226 1.66 30.19 -17.65
C PHE A 226 2.76 31.04 -17.02
N THR A 227 3.60 31.67 -17.83
CA THR A 227 4.68 32.50 -17.29
C THR A 227 4.14 33.67 -16.49
N GLU A 228 3.09 34.34 -17.00
CA GLU A 228 2.53 35.49 -16.31
C GLU A 228 1.95 35.10 -14.96
N TRP A 229 1.25 33.96 -14.89
CA TRP A 229 0.65 33.52 -13.64
C TRP A 229 1.72 33.24 -12.58
N ILE A 230 2.83 32.61 -12.98
CA ILE A 230 3.90 32.34 -12.04
C ILE A 230 4.58 33.63 -11.61
N GLN A 231 4.88 34.52 -12.56
CA GLN A 231 5.54 35.77 -12.24
C GLN A 231 4.67 36.68 -11.37
N SER A 232 3.34 36.53 -11.43
CA SER A 232 2.48 37.30 -10.54
C SER A 232 2.73 36.97 -9.07
N PHE A 233 3.11 35.72 -8.79
CA PHE A 233 3.39 35.30 -7.42
C PHE A 233 4.88 35.29 -7.08
N LEU A 234 5.76 35.33 -8.08
CA LEU A 234 7.19 35.33 -7.79
C LEU A 234 7.61 36.57 -7.02
N HIS A 235 7.10 37.73 -7.41
CA HIS A 235 7.47 38.98 -6.76
C HIS A 235 6.48 39.33 -5.65
N ILE B 1 39.71 -44.16 8.51
CA ILE B 1 39.06 -43.49 7.38
C ILE B 1 38.34 -42.24 7.84
N GLU B 2 38.69 -41.11 7.25
CA GLU B 2 38.10 -39.82 7.58
C GLU B 2 36.99 -39.49 6.59
N CYS B 3 35.88 -38.96 7.10
CA CYS B 3 34.73 -38.61 6.29
C CYS B 3 34.55 -37.08 6.27
N LEU B 4 34.05 -36.59 5.14
CA LEU B 4 33.82 -35.17 4.97
C LEU B 4 32.68 -34.70 5.88
N PRO B 5 32.64 -33.41 6.22
CA PRO B 5 31.54 -32.91 7.04
C PRO B 5 30.20 -33.14 6.38
N GLY B 6 29.20 -33.45 7.21
CA GLY B 6 27.90 -33.84 6.72
C GLY B 6 27.74 -35.33 6.48
N SER B 7 28.81 -36.11 6.61
CA SER B 7 28.78 -37.55 6.44
C SER B 7 29.40 -38.22 7.65
N SER B 8 28.96 -39.44 7.92
CA SER B 8 29.44 -40.18 9.07
C SER B 8 29.93 -41.57 8.65
N PRO B 9 30.96 -42.08 9.31
CA PRO B 9 31.46 -43.42 8.97
C PRO B 9 30.55 -44.52 9.52
N CYS B 10 30.71 -45.71 8.94
CA CYS B 10 29.97 -46.88 9.38
C CYS B 10 30.66 -47.51 10.59
N THR B 11 30.10 -48.61 11.08
CA THR B 11 30.69 -49.30 12.22
C THR B 11 32.07 -49.84 11.88
N ASP B 12 32.24 -50.42 10.69
CA ASP B 12 33.53 -50.94 10.27
C ASP B 12 34.50 -49.83 9.86
N ALA B 13 34.03 -48.58 9.75
CA ALA B 13 34.87 -47.45 9.38
C ALA B 13 35.58 -47.69 8.05
N LEU B 14 34.83 -48.19 7.06
CA LEU B 14 35.38 -48.46 5.74
C LEU B 14 34.78 -47.60 4.64
N THR B 15 33.53 -47.15 4.79
CA THR B 15 32.87 -46.36 3.78
C THR B 15 32.16 -45.18 4.44
N CYS B 16 32.22 -44.02 3.79
CA CYS B 16 31.56 -42.81 4.26
C CYS B 16 30.26 -42.62 3.48
N ILE B 17 29.15 -42.46 4.22
CA ILE B 17 27.83 -42.23 3.63
C ILE B 17 27.20 -41.03 4.30
N LYS B 18 26.13 -40.54 3.69
CA LYS B 18 25.44 -39.36 4.19
C LYS B 18 24.86 -39.63 5.57
N ALA B 19 24.86 -38.58 6.41
CA ALA B 19 24.36 -38.73 7.78
C ALA B 19 22.89 -39.11 7.81
N ASP B 20 22.09 -38.53 6.90
CA ASP B 20 20.67 -38.86 6.84
C ASP B 20 20.42 -40.32 6.47
N LEU B 21 21.38 -40.96 5.77
CA LEU B 21 21.20 -42.36 5.38
C LEU B 21 21.15 -43.28 6.60
N PHE B 22 21.86 -42.93 7.67
CA PHE B 22 21.82 -43.74 8.88
C PHE B 22 20.44 -43.71 9.52
N CYS B 23 19.97 -44.89 9.94
CA CYS B 23 18.68 -45.04 10.62
C CYS B 23 17.54 -44.49 9.78
N ASP B 24 17.63 -44.68 8.46
CA ASP B 24 16.62 -44.19 7.52
C ASP B 24 15.88 -45.30 6.82
N GLY B 25 16.33 -46.55 6.93
CA GLY B 25 15.69 -47.66 6.26
C GLY B 25 16.40 -48.15 5.02
N GLU B 26 17.38 -47.41 4.53
CA GLU B 26 18.16 -47.80 3.36
C GLU B 26 19.51 -48.34 3.81
N VAL B 27 19.84 -49.56 3.40
CA VAL B 27 21.08 -50.20 3.79
C VAL B 27 22.18 -49.72 2.85
N ASN B 28 23.09 -48.90 3.38
CA ASN B 28 24.22 -48.38 2.61
C ASN B 28 25.57 -48.86 3.08
N CYS B 29 25.73 -49.14 4.38
CA CYS B 29 27.00 -49.64 4.88
C CYS B 29 27.23 -51.07 4.37
N PRO B 30 28.48 -51.45 4.08
CA PRO B 30 28.74 -52.82 3.62
C PRO B 30 28.32 -53.88 4.61
N ASP B 31 28.46 -53.63 5.91
CA ASP B 31 28.08 -54.60 6.93
C ASP B 31 26.61 -54.50 7.33
N GLY B 32 25.88 -53.52 6.83
CA GLY B 32 24.48 -53.37 7.20
C GLY B 32 24.22 -52.92 8.61
N SER B 33 25.20 -52.26 9.24
CA SER B 33 25.06 -51.81 10.62
C SER B 33 24.29 -50.50 10.74
N ASP B 34 23.99 -49.83 9.63
CA ASP B 34 23.29 -48.55 9.68
C ASP B 34 21.86 -48.70 10.18
N GLU B 35 21.26 -49.89 10.03
CA GLU B 35 19.90 -50.13 10.47
C GLU B 35 19.83 -50.87 11.80
N ASP B 36 20.95 -51.02 12.49
CA ASP B 36 20.96 -51.72 13.77
C ASP B 36 20.20 -50.94 14.82
N ASN B 37 19.37 -51.64 15.59
CA ASN B 37 18.57 -50.99 16.62
C ASN B 37 19.44 -50.38 17.70
N LYS B 38 20.48 -51.10 18.15
CA LYS B 38 21.36 -50.58 19.18
C LYS B 38 22.12 -49.35 18.70
N MET B 39 22.58 -49.37 17.44
CA MET B 39 23.26 -48.21 16.90
C MET B 39 22.34 -47.00 16.83
N CYS B 40 21.09 -47.22 16.42
CA CYS B 40 20.09 -46.15 16.37
C CYS B 40 19.41 -46.04 17.75
N ALA B 41 20.23 -45.66 18.73
CA ALA B 41 19.79 -45.56 20.11
C ALA B 41 18.97 -44.28 20.27
N THR B 42 17.67 -44.38 19.97
CA THR B 42 16.78 -43.24 20.12
C THR B 42 16.47 -42.92 21.58
N VAL B 43 16.77 -43.85 22.50
CA VAL B 43 16.57 -43.69 23.94
C VAL B 43 15.08 -43.66 24.28
N CYS B 44 14.23 -43.51 23.26
CA CYS B 44 12.79 -43.49 23.49
C CYS B 44 12.31 -44.83 24.06
N ASP B 45 12.66 -45.93 23.39
CA ASP B 45 12.30 -47.25 23.87
C ASP B 45 13.41 -48.28 23.74
N GLY B 46 14.56 -47.93 23.17
CA GLY B 46 15.63 -48.89 22.95
C GLY B 46 15.46 -49.77 21.74
N ARG B 47 14.40 -49.58 20.95
CA ARG B 47 14.15 -50.37 19.76
C ARG B 47 13.98 -49.44 18.56
N PHE B 48 14.38 -49.91 17.39
CA PHE B 48 14.29 -49.13 16.16
C PHE B 48 13.52 -49.80 15.06
N LEU B 49 13.65 -51.13 14.91
CA LEU B 49 12.96 -51.87 13.87
C LEU B 49 11.88 -52.74 14.48
N LEU B 50 10.67 -52.68 13.92
CA LEU B 50 9.53 -53.48 14.36
C LEU B 50 9.10 -54.36 13.21
N THR B 51 9.68 -55.56 13.14
CA THR B 51 9.37 -56.50 12.06
C THR B 51 8.13 -57.33 12.33
N GLY B 52 7.53 -57.21 13.51
CA GLY B 52 6.36 -58.00 13.84
C GLY B 52 5.11 -57.50 13.14
N SER B 53 4.08 -58.35 13.18
CA SER B 53 2.79 -57.99 12.57
C SER B 53 2.16 -56.80 13.27
N SER B 54 2.22 -56.76 14.59
CA SER B 54 1.65 -55.68 15.38
C SER B 54 2.53 -55.41 16.59
N GLY B 55 2.39 -54.22 17.14
CA GLY B 55 3.19 -53.84 18.29
C GLY B 55 2.94 -52.40 18.67
N SER B 56 3.77 -51.91 19.59
CA SER B 56 3.67 -50.54 20.07
C SER B 56 5.03 -50.08 20.56
N PHE B 57 5.17 -48.77 20.72
CA PHE B 57 6.42 -48.17 21.17
C PHE B 57 6.13 -47.00 22.09
N GLN B 58 7.11 -46.65 22.92
CA GLN B 58 7.02 -45.54 23.84
C GLN B 58 8.07 -44.50 23.48
N ALA B 59 7.98 -43.35 24.13
CA ALA B 59 8.89 -42.22 23.90
C ALA B 59 9.79 -42.02 25.11
N THR B 60 10.64 -40.99 25.01
CA THR B 60 11.55 -40.66 26.09
C THR B 60 10.77 -40.16 27.30
N HIS B 61 11.36 -40.35 28.48
CA HIS B 61 10.79 -39.91 29.76
C HIS B 61 9.40 -40.50 29.97
N TYR B 62 9.36 -41.83 30.09
CA TYR B 62 8.10 -42.52 30.32
C TYR B 62 7.46 -42.19 31.66
N PRO B 63 8.18 -42.20 32.80
CA PRO B 63 7.48 -41.97 34.09
C PRO B 63 7.31 -40.51 34.45
N LYS B 64 8.12 -39.62 33.88
CA LYS B 64 8.12 -38.22 34.21
C LYS B 64 8.05 -37.38 32.94
N PRO B 65 7.54 -36.15 33.04
CA PRO B 65 7.50 -35.29 31.85
C PRO B 65 8.89 -35.01 31.30
N SER B 66 8.98 -34.94 29.97
CA SER B 66 10.26 -34.72 29.32
C SER B 66 10.76 -33.30 29.57
N GLU B 67 12.09 -33.17 29.66
CA GLU B 67 12.72 -31.88 29.88
C GLU B 67 13.85 -31.57 28.92
N THR B 68 14.19 -32.49 28.02
CA THR B 68 15.28 -32.29 27.07
C THR B 68 14.81 -32.69 25.67
N SER B 69 15.29 -31.98 24.66
CA SER B 69 14.92 -32.24 23.28
C SER B 69 15.65 -33.49 22.79
N VAL B 70 14.89 -34.54 22.48
CA VAL B 70 15.43 -35.81 22.02
C VAL B 70 14.78 -36.16 20.69
N VAL B 71 15.59 -36.58 19.73
CA VAL B 71 15.11 -36.98 18.41
C VAL B 71 15.00 -38.50 18.38
N CYS B 72 13.81 -39.00 18.06
CA CYS B 72 13.55 -40.44 17.99
C CYS B 72 12.97 -40.79 16.63
N GLN B 73 13.37 -41.95 16.11
CA GLN B 73 12.87 -42.46 14.83
C GLN B 73 12.52 -43.92 14.97
N TRP B 74 11.42 -44.32 14.33
CA TRP B 74 10.94 -45.69 14.35
C TRP B 74 10.61 -46.14 12.94
N ILE B 75 10.95 -47.38 12.62
CA ILE B 75 10.67 -47.98 11.32
C ILE B 75 10.00 -49.32 11.54
N ILE B 76 8.88 -49.55 10.86
CA ILE B 76 8.12 -50.79 10.96
C ILE B 76 8.13 -51.46 9.60
N ARG B 77 8.53 -52.73 9.57
CA ARG B 77 8.62 -53.51 8.34
C ARG B 77 7.66 -54.70 8.42
N VAL B 78 6.90 -54.90 7.35
CA VAL B 78 5.96 -56.01 7.24
C VAL B 78 6.19 -56.70 5.90
N ASN B 79 5.36 -57.71 5.63
CA ASN B 79 5.47 -58.46 4.39
C ASN B 79 5.17 -57.57 3.18
N GLN B 80 5.81 -57.89 2.06
CA GLN B 80 5.60 -57.11 0.84
C GLN B 80 4.16 -57.24 0.37
N GLY B 81 3.60 -56.12 -0.08
CA GLY B 81 2.22 -56.08 -0.54
C GLY B 81 1.20 -55.79 0.54
N LEU B 82 1.62 -55.66 1.79
CA LEU B 82 0.72 -55.39 2.90
C LEU B 82 0.88 -53.95 3.37
N SER B 83 -0.20 -53.39 3.91
CA SER B 83 -0.23 -52.03 4.39
C SER B 83 -0.35 -52.01 5.91
N ILE B 84 0.07 -50.90 6.50
CA ILE B 84 0.08 -50.72 7.96
C ILE B 84 -0.86 -49.59 8.31
N LYS B 85 -1.76 -49.85 9.26
CA LYS B 85 -2.71 -48.86 9.75
C LYS B 85 -2.29 -48.40 11.14
N LEU B 86 -2.10 -47.09 11.30
CA LEU B 86 -1.70 -46.51 12.58
C LEU B 86 -2.94 -45.91 13.24
N SER B 87 -3.20 -46.33 14.48
CA SER B 87 -4.36 -45.88 15.24
C SER B 87 -3.88 -45.18 16.50
N PHE B 88 -4.48 -44.03 16.80
CA PHE B 88 -4.13 -43.24 17.97
C PHE B 88 -5.39 -42.94 18.78
N ASP B 89 -5.27 -43.02 20.10
CA ASP B 89 -6.41 -42.78 20.98
C ASP B 89 -6.52 -41.31 21.38
N ASP B 90 -5.47 -40.76 21.99
CA ASP B 90 -5.48 -39.36 22.42
C ASP B 90 -4.04 -38.88 22.48
N PHE B 91 -3.71 -37.86 21.69
CA PHE B 91 -2.36 -37.30 21.65
C PHE B 91 -2.41 -35.82 21.98
N ASN B 92 -1.54 -35.40 22.90
CA ASN B 92 -1.36 -34.00 23.25
C ASN B 92 0.12 -33.74 23.46
N THR B 93 0.52 -32.49 23.31
CA THR B 93 1.92 -32.11 23.49
C THR B 93 2.00 -30.60 23.69
N TYR B 94 3.24 -30.11 23.83
CA TYR B 94 3.50 -28.69 24.03
C TYR B 94 3.84 -28.05 22.68
N TYR B 95 2.84 -28.03 21.80
CA TYR B 95 2.93 -27.37 20.50
C TYR B 95 3.99 -28.00 19.60
N THR B 96 5.26 -27.80 19.94
CA THR B 96 6.37 -28.20 19.08
C THR B 96 6.67 -29.69 19.27
N ASP B 97 5.89 -30.51 18.58
CA ASP B 97 6.13 -31.96 18.56
C ASP B 97 5.40 -32.54 17.36
N ILE B 98 6.15 -33.11 16.42
CA ILE B 98 5.59 -33.68 15.20
C ILE B 98 6.08 -35.12 15.07
N LEU B 99 5.15 -36.05 14.83
CA LEU B 99 5.52 -37.44 14.65
C LEU B 99 6.24 -37.67 13.31
N ASP B 100 5.88 -36.90 12.29
CA ASP B 100 6.54 -36.94 10.98
C ASP B 100 6.46 -38.34 10.37
N ILE B 101 5.24 -38.78 10.09
CA ILE B 101 5.02 -40.02 9.37
C ILE B 101 5.38 -39.80 7.90
N TYR B 102 6.14 -40.75 7.34
CA TYR B 102 6.59 -40.65 5.95
C TYR B 102 6.23 -41.92 5.21
N GLU B 103 6.12 -41.79 3.88
CA GLU B 103 5.84 -42.92 3.02
C GLU B 103 7.13 -43.65 2.66
N GLY B 104 7.25 -44.89 3.10
CA GLY B 104 8.43 -45.67 2.80
C GLY B 104 9.62 -45.28 3.67
N VAL B 105 10.79 -45.77 3.24
CA VAL B 105 12.04 -45.52 3.94
C VAL B 105 13.07 -45.02 2.94
N GLY B 106 14.12 -44.39 3.47
CA GLY B 106 15.19 -43.88 2.63
C GLY B 106 14.94 -42.50 2.10
N SER B 107 15.47 -42.20 0.92
CA SER B 107 15.31 -40.90 0.29
C SER B 107 14.04 -40.78 -0.54
N SER B 108 13.27 -41.86 -0.67
CA SER B 108 12.04 -41.82 -1.45
C SER B 108 10.86 -41.26 -0.67
N LYS B 109 11.01 -41.06 0.64
CA LYS B 109 9.94 -40.50 1.44
C LYS B 109 9.71 -39.04 1.09
N ILE B 110 8.45 -38.60 1.14
CA ILE B 110 8.12 -37.19 0.94
C ILE B 110 7.39 -36.68 2.17
N LEU B 111 6.19 -37.20 2.41
CA LEU B 111 5.40 -36.86 3.58
C LEU B 111 4.17 -37.75 3.61
N ARG B 112 3.72 -38.11 4.81
CA ARG B 112 2.47 -38.82 4.99
C ARG B 112 1.50 -38.07 5.90
N ALA B 113 1.97 -37.63 7.07
CA ALA B 113 1.11 -36.91 8.00
C ALA B 113 1.98 -36.13 8.97
N SER B 114 1.38 -35.10 9.57
CA SER B 114 2.07 -34.28 10.57
C SER B 114 0.99 -33.69 11.48
N ILE B 115 0.82 -34.26 12.66
CA ILE B 115 -0.20 -33.84 13.61
C ILE B 115 0.48 -33.43 14.91
N TRP B 116 0.11 -32.25 15.41
CA TRP B 116 0.66 -31.70 16.64
C TRP B 116 -0.47 -31.15 17.50
N GLU B 117 -0.35 -31.36 18.81
CA GLU B 117 -1.25 -30.86 19.85
C GLU B 117 -2.63 -31.49 19.79
N THR B 118 -2.92 -32.35 18.82
CA THR B 118 -4.23 -32.96 18.68
C THR B 118 -4.06 -34.45 18.40
N ASN B 119 -5.11 -35.20 18.65
CA ASN B 119 -5.10 -36.64 18.41
C ASN B 119 -5.20 -36.90 16.90
N PRO B 120 -4.23 -37.57 16.29
CA PRO B 120 -4.33 -37.85 14.85
C PRO B 120 -5.50 -38.72 14.47
N GLY B 121 -6.01 -39.53 15.39
CA GLY B 121 -7.11 -40.46 15.08
C GLY B 121 -6.58 -41.78 14.53
N THR B 122 -6.77 -42.00 13.23
CA THR B 122 -6.28 -43.19 12.57
C THR B 122 -5.61 -42.80 11.26
N ILE B 123 -4.38 -43.26 11.05
CA ILE B 123 -3.61 -42.98 9.86
C ILE B 123 -3.25 -44.30 9.19
N ARG B 124 -3.55 -44.42 7.91
CA ARG B 124 -3.29 -45.63 7.15
C ARG B 124 -2.26 -45.34 6.07
N ILE B 125 -1.23 -46.19 5.99
CA ILE B 125 -0.17 -46.06 5.00
C ILE B 125 -0.24 -47.27 4.09
N PHE B 126 -0.40 -47.03 2.79
CA PHE B 126 -0.50 -48.10 1.80
C PHE B 126 0.88 -48.50 1.29
N SER B 127 1.71 -48.97 2.23
CA SER B 127 3.05 -49.42 1.91
C SER B 127 3.51 -50.39 2.99
N ASN B 128 4.53 -51.18 2.66
CA ASN B 128 5.08 -52.15 3.59
C ASN B 128 6.05 -51.52 4.60
N GLN B 129 6.39 -50.24 4.43
CA GLN B 129 7.34 -49.57 5.29
C GLN B 129 6.73 -48.26 5.80
N VAL B 130 6.76 -48.07 7.12
CA VAL B 130 6.25 -46.86 7.76
C VAL B 130 7.36 -46.29 8.63
N THR B 131 7.63 -45.00 8.50
CA THR B 131 8.70 -44.34 9.24
C THR B 131 8.13 -43.13 9.98
N ALA B 132 8.62 -42.93 11.21
CA ALA B 132 8.23 -41.79 12.03
C ALA B 132 9.49 -41.10 12.54
N THR B 133 9.38 -39.79 12.77
CA THR B 133 10.50 -38.99 13.25
C THR B 133 10.02 -38.11 14.39
N PHE B 134 10.29 -38.53 15.61
CA PHE B 134 9.91 -37.75 16.80
C PHE B 134 10.87 -36.58 16.96
N LEU B 135 10.32 -35.38 17.10
CA LEU B 135 11.11 -34.16 17.21
C LEU B 135 10.60 -33.29 18.35
N ILE B 136 11.52 -32.64 19.04
CA ILE B 136 11.20 -31.67 20.08
C ILE B 136 11.92 -30.38 19.74
N GLU B 137 11.16 -29.27 19.65
CA GLU B 137 11.71 -27.97 19.28
C GLU B 137 11.58 -26.95 20.40
N SER B 138 11.34 -27.40 21.63
CA SER B 138 11.22 -26.50 22.77
C SER B 138 11.97 -27.08 23.96
N ASP B 139 12.46 -26.18 24.81
CA ASP B 139 13.18 -26.57 26.02
C ASP B 139 12.26 -26.68 27.24
N GLU B 140 10.97 -26.41 27.09
CA GLU B 140 10.04 -26.49 28.20
C GLU B 140 9.63 -27.95 28.43
N SER B 141 8.86 -28.16 29.50
CA SER B 141 8.38 -29.49 29.86
C SER B 141 7.27 -29.89 28.90
N ASP B 142 7.62 -30.68 27.88
CA ASP B 142 6.66 -31.12 26.88
C ASP B 142 5.88 -32.32 27.44
N TYR B 143 5.14 -33.01 26.56
CA TYR B 143 4.32 -34.12 26.98
C TYR B 143 5.18 -35.29 27.43
N VAL B 144 4.56 -36.20 28.19
CA VAL B 144 5.28 -37.32 28.78
C VAL B 144 5.87 -38.22 27.69
N GLY B 145 5.06 -38.56 26.69
CA GLY B 145 5.54 -39.42 25.63
C GLY B 145 4.43 -39.76 24.67
N PHE B 146 4.89 -40.41 23.59
CA PHE B 146 4.09 -40.84 22.41
C PHE B 146 4.22 -42.36 22.24
N ASN B 147 3.07 -42.94 21.90
CA ASN B 147 2.77 -44.37 21.66
C ASN B 147 1.98 -44.62 20.39
N ALA B 148 2.25 -45.72 19.66
CA ALA B 148 1.25 -45.90 18.58
C ALA B 148 0.88 -47.38 18.43
N THR B 149 -0.42 -47.66 18.30
CA THR B 149 -0.84 -49.04 18.07
C THR B 149 -1.15 -49.24 16.61
N TYR B 150 -0.60 -50.31 16.01
CA TYR B 150 -0.80 -50.59 14.60
C TYR B 150 -1.11 -52.07 14.41
N THR B 151 -1.83 -52.36 13.34
CA THR B 151 -2.18 -53.73 12.97
C THR B 151 -2.06 -53.89 11.46
N ALA B 152 -1.57 -55.04 11.01
CA ALA B 152 -1.39 -55.29 9.60
C ALA B 152 -2.68 -55.82 8.98
N PHE B 153 -2.96 -55.36 7.76
CA PHE B 153 -4.14 -55.80 7.03
C PHE B 153 -3.84 -55.83 5.54
N ASN B 154 -4.57 -56.69 4.82
CA ASN B 154 -4.29 -56.94 3.41
C ASN B 154 -4.48 -55.67 2.57
N SER B 155 -5.56 -54.93 2.84
CA SER B 155 -5.89 -53.64 2.22
C SER B 155 -6.27 -53.75 0.75
N SER B 156 -6.20 -54.94 0.14
CA SER B 156 -6.62 -55.12 -1.23
C SER B 156 -7.91 -55.93 -1.37
N GLU B 157 -8.33 -56.62 -0.32
CA GLU B 157 -9.60 -57.33 -0.31
C GLU B 157 -10.77 -56.44 0.09
N LEU B 158 -10.51 -55.17 0.38
CA LEU B 158 -11.57 -54.26 0.81
C LEU B 158 -12.60 -54.08 -0.29
N ASN B 159 -13.87 -54.06 0.09
CA ASN B 159 -14.96 -53.85 -0.84
C ASN B 159 -15.14 -52.34 -1.08
N ASN B 160 -16.11 -52.00 -1.92
CA ASN B 160 -16.36 -50.61 -2.25
C ASN B 160 -16.87 -49.83 -1.04
N TYR B 161 -17.64 -50.50 -0.17
CA TYR B 161 -18.24 -49.82 0.98
C TYR B 161 -17.17 -49.25 1.90
N GLU B 162 -16.19 -50.08 2.28
CA GLU B 162 -15.14 -49.61 3.18
C GLU B 162 -14.25 -48.57 2.48
N LYS B 163 -13.97 -48.76 1.20
CA LYS B 163 -13.11 -47.82 0.48
C LYS B 163 -13.74 -46.44 0.38
N ILE B 164 -15.03 -46.37 0.10
CA ILE B 164 -15.67 -45.09 -0.19
C ILE B 164 -16.22 -44.43 1.06
N ASN B 165 -16.94 -45.18 1.89
CA ASN B 165 -17.62 -44.58 3.03
C ASN B 165 -16.61 -44.08 4.06
N CYS B 166 -16.78 -42.82 4.48
CA CYS B 166 -15.92 -42.22 5.49
C CYS B 166 -16.63 -41.01 6.08
N ASN B 167 -16.93 -41.06 7.37
CA ASN B 167 -17.54 -39.95 8.08
C ASN B 167 -16.52 -39.03 8.74
N PHE B 168 -15.23 -39.29 8.54
CA PHE B 168 -14.14 -38.48 9.07
C PHE B 168 -14.17 -38.44 10.60
N GLU B 169 -14.13 -39.62 11.21
CA GLU B 169 -13.96 -39.74 12.65
C GLU B 169 -12.78 -40.66 12.94
N ASP B 170 -12.60 -41.68 12.11
CA ASP B 170 -11.45 -42.57 12.20
C ASP B 170 -10.37 -42.14 11.21
N GLY B 171 -9.93 -40.89 11.36
CA GLY B 171 -8.96 -40.33 10.43
C GLY B 171 -9.56 -40.12 9.06
N PHE B 172 -8.72 -40.28 8.04
CA PHE B 172 -9.13 -40.13 6.65
C PHE B 172 -9.63 -41.43 6.04
N CYS B 173 -9.76 -42.48 6.84
CA CYS B 173 -10.17 -43.82 6.39
C CYS B 173 -9.12 -44.30 5.39
N PHE B 174 -9.53 -44.88 4.26
CA PHE B 174 -8.60 -45.44 3.29
C PHE B 174 -8.25 -44.47 2.17
N TRP B 175 -8.73 -43.23 2.25
CA TRP B 175 -8.40 -42.23 1.24
C TRP B 175 -6.91 -41.89 1.30
N VAL B 176 -6.29 -41.77 0.13
CA VAL B 176 -4.87 -41.47 0.00
C VAL B 176 -4.74 -40.05 -0.51
N GLN B 177 -4.00 -39.23 0.23
CA GLN B 177 -3.75 -37.86 -0.21
C GLN B 177 -2.85 -37.86 -1.43
N ASP B 178 -3.20 -37.04 -2.42
CA ASP B 178 -2.42 -36.96 -3.64
C ASP B 178 -1.04 -36.37 -3.36
N LEU B 179 -0.03 -36.90 -4.04
CA LEU B 179 1.33 -36.41 -3.90
C LEU B 179 1.69 -35.36 -4.95
N ASN B 180 0.76 -35.03 -5.84
CA ASN B 180 0.98 -34.04 -6.89
C ASN B 180 0.13 -32.78 -6.65
N ASP B 181 0.02 -32.36 -5.39
CA ASP B 181 -0.78 -31.21 -5.02
C ASP B 181 0.09 -30.16 -4.34
N ASP B 182 -0.38 -28.91 -4.41
CA ASP B 182 0.35 -27.82 -3.76
C ASP B 182 0.29 -27.94 -2.25
N ASN B 183 -0.82 -28.44 -1.71
CA ASN B 183 -0.96 -28.62 -0.27
C ASN B 183 -1.94 -29.75 -0.01
N GLU B 184 -1.91 -30.28 1.20
CA GLU B 184 -2.72 -31.42 1.59
C GLU B 184 -3.93 -30.97 2.42
N TRP B 185 -4.95 -31.82 2.42
CA TRP B 185 -6.14 -31.56 3.22
C TRP B 185 -5.81 -31.65 4.71
N GLU B 186 -6.51 -30.85 5.51
CA GLU B 186 -6.32 -30.80 6.95
C GLU B 186 -7.59 -31.21 7.66
N ARG B 187 -7.48 -32.15 8.60
CA ARG B 187 -8.59 -32.59 9.43
C ARG B 187 -8.46 -31.91 10.79
N ILE B 188 -9.33 -30.94 11.05
CA ILE B 188 -9.28 -30.14 12.26
C ILE B 188 -10.62 -30.27 13.00
N GLN B 189 -10.55 -30.55 14.30
CA GLN B 189 -11.75 -30.67 15.10
C GLN B 189 -12.33 -29.29 15.39
N GLY B 190 -13.64 -29.14 15.20
CA GLY B 190 -14.30 -27.89 15.49
C GLY B 190 -14.00 -26.81 14.45
N SER B 191 -14.33 -25.59 14.85
CA SER B 191 -14.14 -24.44 13.96
C SER B 191 -12.65 -24.13 13.78
N THR B 192 -12.35 -23.45 12.69
CA THR B 192 -10.99 -23.13 12.31
C THR B 192 -10.83 -21.61 12.16
N PHE B 193 -9.67 -21.21 11.64
CA PHE B 193 -9.36 -19.80 11.44
C PHE B 193 -10.22 -19.24 10.29
N SER B 194 -9.98 -17.96 9.96
CA SER B 194 -10.72 -17.25 8.92
C SER B 194 -12.20 -17.19 9.27
N PRO B 195 -12.59 -16.37 10.25
CA PRO B 195 -14.01 -16.28 10.61
C PRO B 195 -14.86 -15.86 9.42
N PHE B 196 -16.10 -16.35 9.41
CA PHE B 196 -17.01 -16.23 8.28
C PHE B 196 -16.46 -16.97 7.06
N THR B 197 -15.68 -18.02 7.30
CA THR B 197 -15.14 -18.86 6.22
C THR B 197 -14.79 -20.22 6.81
N GLY B 198 -15.44 -21.27 6.31
CA GLY B 198 -15.22 -22.61 6.81
C GLY B 198 -16.25 -23.00 7.85
N PRO B 199 -16.48 -24.31 7.99
CA PRO B 199 -17.50 -24.78 8.93
C PRO B 199 -17.13 -24.45 10.37
N ASN B 200 -18.17 -24.15 11.17
CA ASN B 200 -18.01 -23.97 12.60
C ASN B 200 -18.31 -25.24 13.39
N PHE B 201 -18.78 -26.30 12.73
CA PHE B 201 -19.12 -27.55 13.39
C PHE B 201 -19.09 -28.66 12.34
N ASP B 202 -19.09 -29.90 12.83
CA ASP B 202 -19.05 -31.06 11.95
C ASP B 202 -20.46 -31.50 11.58
N HIS B 203 -20.62 -31.95 10.34
CA HIS B 203 -21.94 -32.37 9.88
C HIS B 203 -22.35 -33.71 10.46
N THR B 204 -21.42 -34.67 10.51
CA THR B 204 -21.75 -36.01 10.98
C THR B 204 -22.10 -36.00 12.47
N PHE B 205 -21.32 -35.31 13.29
CA PHE B 205 -21.54 -35.29 14.72
C PHE B 205 -22.54 -34.24 15.16
N GLY B 206 -22.60 -33.10 14.47
CA GLY B 206 -23.55 -32.06 14.76
C GLY B 206 -23.00 -30.89 15.57
N ASN B 207 -21.88 -31.07 16.25
CA ASN B 207 -21.28 -30.00 17.03
C ASN B 207 -19.77 -30.04 16.82
N ALA B 208 -19.05 -29.20 17.59
CA ALA B 208 -17.61 -29.07 17.42
C ALA B 208 -16.83 -30.30 17.84
N SER B 209 -17.47 -31.25 18.52
CA SER B 209 -16.78 -32.47 18.94
C SER B 209 -16.42 -33.37 17.77
N GLY B 210 -17.01 -33.14 16.59
CA GLY B 210 -16.71 -33.96 15.43
C GLY B 210 -15.46 -33.51 14.70
N PHE B 211 -15.12 -34.27 13.65
CA PHE B 211 -13.95 -34.01 12.84
C PHE B 211 -14.35 -33.95 11.37
N TYR B 212 -13.79 -32.99 10.65
CA TYR B 212 -14.05 -32.84 9.22
C TYR B 212 -12.78 -32.38 8.53
N ILE B 213 -12.72 -32.62 7.22
CA ILE B 213 -11.57 -32.22 6.41
C ILE B 213 -11.92 -30.94 5.67
N SER B 214 -10.89 -30.17 5.33
CA SER B 214 -11.06 -28.92 4.61
C SER B 214 -9.72 -28.51 4.03
N THR B 215 -9.75 -27.43 3.26
CA THR B 215 -8.52 -26.86 2.73
C THR B 215 -7.70 -26.27 3.87
N PRO B 216 -6.38 -26.13 3.68
CA PRO B 216 -5.54 -25.58 4.75
C PRO B 216 -6.03 -24.20 5.19
N THR B 217 -6.01 -23.99 6.51
CA THR B 217 -6.56 -22.78 7.11
C THR B 217 -5.49 -21.74 7.42
N GLY B 218 -4.25 -21.98 7.00
CA GLY B 218 -3.19 -21.02 7.21
C GLY B 218 -3.44 -19.74 6.46
N PRO B 219 -3.06 -18.60 7.03
CA PRO B 219 -3.28 -17.32 6.36
C PRO B 219 -2.33 -17.09 5.20
N GLY B 220 -2.43 -17.94 4.17
CA GLY B 220 -1.60 -17.78 3.00
C GLY B 220 -2.14 -16.74 2.04
N GLY B 221 -1.33 -16.48 1.00
CA GLY B 221 -1.71 -15.50 -0.01
C GLY B 221 -1.41 -15.96 -1.41
N ARG B 222 -1.47 -17.26 -1.64
CA ARG B 222 -1.19 -17.85 -2.95
C ARG B 222 -2.26 -18.87 -3.31
N GLN B 223 -2.47 -19.05 -4.60
CA GLN B 223 -3.42 -20.03 -5.10
C GLN B 223 -2.79 -21.41 -5.08
N GLU B 224 -3.53 -22.39 -4.53
CA GLU B 224 -3.03 -23.74 -4.39
C GLU B 224 -4.10 -24.72 -4.83
N ARG B 225 -3.66 -25.90 -5.24
CA ARG B 225 -4.55 -26.99 -5.64
C ARG B 225 -4.39 -28.15 -4.68
N VAL B 226 -5.51 -28.62 -4.13
CA VAL B 226 -5.51 -29.74 -3.20
C VAL B 226 -6.32 -30.87 -3.83
N GLY B 227 -5.95 -32.10 -3.49
CA GLY B 227 -6.60 -33.26 -4.08
C GLY B 227 -6.57 -34.44 -3.13
N LEU B 228 -7.60 -35.29 -3.24
CA LEU B 228 -7.72 -36.51 -2.45
C LEU B 228 -8.04 -37.66 -3.37
N LEU B 229 -7.34 -38.78 -3.20
CA LEU B 229 -7.49 -39.94 -4.06
C LEU B 229 -7.99 -41.13 -3.26
N SER B 230 -8.70 -42.03 -3.94
CA SER B 230 -9.26 -43.22 -3.33
C SER B 230 -8.72 -44.46 -4.03
N LEU B 231 -8.94 -45.61 -3.39
CA LEU B 231 -8.51 -46.88 -3.96
C LEU B 231 -9.37 -47.24 -5.18
N PRO B 232 -8.84 -48.02 -6.11
CA PRO B 232 -9.65 -48.48 -7.24
C PRO B 232 -10.82 -49.33 -6.76
N LEU B 233 -11.94 -49.20 -7.48
CA LEU B 233 -13.18 -49.90 -7.13
C LEU B 233 -13.37 -51.10 -8.04
N ASP B 234 -13.72 -52.23 -7.44
CA ASP B 234 -13.96 -53.45 -8.20
C ASP B 234 -15.23 -53.30 -9.05
N PRO B 235 -15.28 -54.00 -10.19
CA PRO B 235 -16.47 -53.92 -11.04
C PRO B 235 -17.71 -54.46 -10.35
N THR B 236 -18.85 -53.88 -10.69
CA THR B 236 -20.14 -54.29 -10.13
C THR B 236 -21.16 -54.44 -11.26
N LEU B 237 -22.14 -55.31 -11.03
CA LEU B 237 -23.19 -55.56 -12.00
C LEU B 237 -24.37 -54.61 -11.88
N GLU B 238 -24.37 -53.74 -10.86
CA GLU B 238 -25.45 -52.79 -10.66
C GLU B 238 -24.89 -51.38 -10.54
N PRO B 239 -25.54 -50.40 -11.18
CA PRO B 239 -25.09 -49.01 -11.02
C PRO B 239 -25.17 -48.56 -9.57
N ALA B 240 -24.21 -47.75 -9.15
CA ALA B 240 -24.09 -47.30 -7.78
C ALA B 240 -24.22 -45.79 -7.72
N CYS B 241 -24.65 -45.29 -6.55
CA CYS B 241 -24.83 -43.87 -6.32
C CYS B 241 -23.84 -43.40 -5.26
N LEU B 242 -23.16 -42.29 -5.55
CA LEU B 242 -22.17 -41.72 -4.65
C LEU B 242 -22.76 -40.50 -3.95
N SER B 243 -22.69 -40.47 -2.63
CA SER B 243 -23.24 -39.41 -1.82
C SER B 243 -22.17 -38.79 -0.95
N PHE B 244 -22.17 -37.46 -0.86
CA PHE B 244 -21.22 -36.73 -0.03
C PHE B 244 -21.81 -35.38 0.32
N TRP B 245 -21.25 -34.77 1.36
CA TRP B 245 -21.67 -33.44 1.82
C TRP B 245 -20.50 -32.48 1.67
N TYR B 246 -20.75 -31.35 1.01
CA TYR B 246 -19.73 -30.34 0.76
C TYR B 246 -20.17 -29.01 1.34
N HIS B 247 -19.22 -28.30 1.97
CA HIS B 247 -19.47 -27.02 2.61
C HIS B 247 -18.52 -26.00 1.99
N MET B 248 -19.04 -25.21 1.05
CA MET B 248 -18.25 -24.22 0.32
C MET B 248 -18.70 -22.83 0.79
N TYR B 249 -18.06 -22.34 1.85
CA TYR B 249 -18.38 -21.04 2.42
C TYR B 249 -17.14 -20.15 2.37
N GLY B 250 -17.30 -18.97 1.81
CA GLY B 250 -16.21 -18.03 1.66
C GLY B 250 -16.40 -17.19 0.40
N GLU B 251 -15.92 -15.96 0.46
CA GLU B 251 -16.05 -15.05 -0.67
C GLU B 251 -15.10 -15.37 -1.81
N ASN B 252 -14.06 -16.17 -1.56
CA ASN B 252 -13.05 -16.48 -2.56
C ASN B 252 -13.08 -17.94 -2.99
N VAL B 253 -14.21 -18.63 -2.82
CA VAL B 253 -14.31 -20.02 -3.24
C VAL B 253 -14.22 -20.10 -4.75
N HIS B 254 -13.29 -20.92 -5.25
CA HIS B 254 -13.01 -20.96 -6.68
C HIS B 254 -13.81 -22.06 -7.39
N LYS B 255 -13.57 -23.31 -7.02
CA LYS B 255 -14.18 -24.44 -7.72
C LYS B 255 -13.96 -25.71 -6.93
N LEU B 256 -14.96 -26.59 -6.96
CA LEU B 256 -14.88 -27.92 -6.39
C LEU B 256 -15.34 -28.93 -7.42
N SER B 257 -14.56 -29.98 -7.62
CA SER B 257 -14.87 -30.96 -8.66
C SER B 257 -14.38 -32.34 -8.21
N ILE B 258 -14.92 -33.36 -8.87
CA ILE B 258 -14.58 -34.75 -8.57
C ILE B 258 -13.54 -35.28 -9.56
N ASN B 259 -13.82 -35.18 -10.86
CA ASN B 259 -12.90 -35.57 -11.92
C ASN B 259 -12.51 -37.05 -11.81
N ILE B 260 -13.52 -37.90 -12.00
CA ILE B 260 -13.31 -39.34 -11.95
C ILE B 260 -12.32 -39.76 -13.03
N SER B 261 -11.33 -40.58 -12.65
CA SER B 261 -10.32 -41.08 -13.56
C SER B 261 -10.35 -42.59 -13.58
N ASN B 262 -10.17 -43.17 -14.76
CA ASN B 262 -10.22 -44.61 -14.96
C ASN B 262 -8.93 -45.08 -15.62
N ASP B 263 -8.76 -46.41 -15.63
CA ASP B 263 -7.59 -47.02 -16.25
C ASP B 263 -7.61 -46.93 -17.77
N GLN B 264 -8.73 -46.57 -18.37
CA GLN B 264 -8.84 -46.40 -19.81
C GLN B 264 -8.46 -45.00 -20.27
N ASN B 265 -7.99 -44.15 -19.36
CA ASN B 265 -7.59 -42.77 -19.66
C ASN B 265 -8.76 -41.92 -20.14
N MET B 266 -9.98 -42.37 -19.92
CA MET B 266 -11.18 -41.60 -20.28
C MET B 266 -11.72 -40.86 -19.05
N GLU B 267 -10.90 -39.95 -18.55
CA GLU B 267 -11.27 -39.17 -17.38
C GLU B 267 -12.40 -38.21 -17.71
N LYS B 268 -13.33 -38.06 -16.76
CA LYS B 268 -14.46 -37.16 -16.94
C LYS B 268 -14.86 -36.58 -15.59
N THR B 269 -15.58 -35.47 -15.63
CA THR B 269 -16.04 -34.78 -14.43
C THR B 269 -17.53 -35.04 -14.26
N VAL B 270 -17.91 -35.48 -13.06
CA VAL B 270 -19.31 -35.78 -12.75
C VAL B 270 -19.92 -34.79 -11.76
N PHE B 271 -19.13 -33.91 -11.16
CA PHE B 271 -19.62 -32.95 -10.19
C PHE B 271 -18.74 -31.71 -10.24
N GLN B 272 -19.38 -30.55 -10.22
CA GLN B 272 -18.64 -29.28 -10.28
C GLN B 272 -19.52 -28.17 -9.75
N LYS B 273 -19.06 -27.51 -8.69
CA LYS B 273 -19.75 -26.36 -8.11
C LYS B 273 -18.75 -25.23 -7.90
N GLU B 274 -19.19 -24.00 -8.15
CA GLU B 274 -18.34 -22.83 -8.02
C GLU B 274 -19.07 -21.76 -7.21
N GLY B 275 -18.28 -20.93 -6.52
CA GLY B 275 -18.83 -19.83 -5.76
C GLY B 275 -19.27 -20.23 -4.36
N ASN B 276 -19.68 -19.22 -3.61
CA ASN B 276 -20.14 -19.42 -2.25
C ASN B 276 -21.58 -19.92 -2.24
N TYR B 277 -21.86 -20.88 -1.35
CA TYR B 277 -23.19 -21.45 -1.20
C TYR B 277 -23.75 -21.25 0.20
N GLY B 278 -23.17 -20.36 0.98
CA GLY B 278 -23.62 -20.10 2.32
C GLY B 278 -23.03 -21.07 3.34
N ASP B 279 -23.28 -20.75 4.61
CA ASP B 279 -22.78 -21.56 5.72
C ASP B 279 -23.75 -22.71 6.03
N ASN B 280 -23.93 -23.57 5.04
CA ASN B 280 -24.80 -24.73 5.16
C ASN B 280 -24.20 -25.89 4.40
N TRP B 281 -24.34 -27.10 4.96
CA TRP B 281 -23.81 -28.29 4.33
C TRP B 281 -24.74 -28.75 3.22
N ASN B 282 -24.24 -28.80 2.00
CA ASN B 282 -25.01 -29.19 0.84
C ASN B 282 -24.76 -30.65 0.50
N TYR B 283 -25.77 -31.28 -0.09
CA TYR B 283 -25.72 -32.70 -0.43
C TYR B 283 -25.31 -32.88 -1.88
N GLY B 284 -24.31 -33.73 -2.11
CA GLY B 284 -23.84 -34.05 -3.45
C GLY B 284 -24.19 -35.48 -3.80
N GLN B 285 -24.77 -35.65 -4.98
CA GLN B 285 -25.24 -36.96 -5.45
C GLN B 285 -24.60 -37.26 -6.80
N VAL B 286 -23.94 -38.41 -6.89
CA VAL B 286 -23.20 -38.80 -8.09
C VAL B 286 -23.55 -40.23 -8.45
N THR B 287 -23.91 -40.45 -9.71
CA THR B 287 -24.13 -41.79 -10.24
C THR B 287 -22.82 -42.35 -10.78
N LEU B 288 -22.69 -43.68 -10.75
CA LEU B 288 -21.45 -44.34 -11.12
C LEU B 288 -21.58 -45.08 -12.44
N ASN B 289 -20.46 -45.18 -13.14
CA ASN B 289 -20.28 -45.90 -14.40
C ASN B 289 -18.84 -46.43 -14.37
N GLU B 290 -18.31 -46.85 -15.52
CA GLU B 290 -16.92 -47.28 -15.64
C GLU B 290 -16.64 -48.50 -14.73
N THR B 291 -17.25 -49.62 -15.12
CA THR B 291 -17.08 -50.88 -14.42
C THR B 291 -15.61 -51.24 -14.27
N VAL B 292 -14.79 -50.87 -15.25
CA VAL B 292 -13.35 -51.09 -15.13
C VAL B 292 -12.79 -50.32 -13.93
N LYS B 293 -11.62 -50.74 -13.47
CA LYS B 293 -11.03 -50.15 -12.28
C LYS B 293 -10.83 -48.65 -12.46
N PHE B 294 -11.27 -47.89 -11.48
CA PHE B 294 -11.20 -46.43 -11.54
C PHE B 294 -11.05 -45.88 -10.12
N LYS B 295 -10.54 -44.66 -10.04
CA LYS B 295 -10.29 -44.00 -8.77
C LYS B 295 -11.19 -42.77 -8.65
N VAL B 296 -11.80 -42.61 -7.49
CA VAL B 296 -12.65 -41.45 -7.20
C VAL B 296 -11.79 -40.39 -6.53
N ALA B 297 -11.81 -39.18 -7.08
CA ALA B 297 -10.99 -38.08 -6.60
C ALA B 297 -11.87 -36.89 -6.21
N PHE B 298 -11.28 -35.98 -5.44
CA PHE B 298 -11.93 -34.73 -5.05
C PHE B 298 -10.90 -33.60 -5.24
N ASN B 299 -10.89 -33.03 -6.44
CA ASN B 299 -9.94 -31.98 -6.78
C ASN B 299 -10.58 -30.63 -6.44
N ALA B 300 -10.01 -29.93 -5.48
CA ALA B 300 -10.48 -28.62 -5.04
C ALA B 300 -9.39 -27.59 -5.27
N PHE B 301 -9.76 -26.46 -5.86
CA PHE B 301 -8.81 -25.38 -6.13
C PHE B 301 -8.94 -24.35 -5.00
N LYS B 302 -7.82 -24.07 -4.33
CA LYS B 302 -7.79 -23.16 -3.20
C LYS B 302 -7.28 -21.80 -3.64
N ASN B 303 -8.04 -20.75 -3.36
CA ASN B 303 -7.66 -19.39 -3.68
C ASN B 303 -6.92 -18.80 -2.48
N LYS B 304 -6.76 -17.49 -2.44
CA LYS B 304 -6.08 -16.82 -1.34
C LYS B 304 -6.94 -16.94 -0.07
N ILE B 305 -6.51 -16.26 0.99
CA ILE B 305 -7.12 -16.35 2.32
C ILE B 305 -8.63 -16.17 2.22
N LEU B 306 -9.36 -16.84 3.11
CA LEU B 306 -10.84 -16.82 3.15
C LEU B 306 -11.44 -17.52 1.92
N SER B 307 -10.91 -18.70 1.61
CA SER B 307 -11.39 -19.52 0.50
C SER B 307 -11.44 -20.98 0.93
N ASP B 308 -11.95 -21.25 2.12
CA ASP B 308 -11.95 -22.60 2.66
C ASP B 308 -13.09 -23.41 2.06
N ILE B 309 -12.78 -24.65 1.67
CA ILE B 309 -13.76 -25.60 1.15
C ILE B 309 -13.63 -26.88 1.95
N ALA B 310 -14.76 -27.42 2.41
CA ALA B 310 -14.76 -28.58 3.29
C ALA B 310 -15.64 -29.68 2.72
N LEU B 311 -15.28 -30.93 3.05
CA LEU B 311 -16.03 -32.10 2.67
C LEU B 311 -16.23 -32.99 3.89
N ASP B 312 -17.38 -33.67 3.93
CA ASP B 312 -17.69 -34.55 5.05
C ASP B 312 -18.77 -35.54 4.63
N ASP B 313 -18.83 -36.65 5.37
CA ASP B 313 -19.89 -37.65 5.23
C ASP B 313 -19.94 -38.21 3.81
N ILE B 314 -18.85 -38.87 3.42
CA ILE B 314 -18.78 -39.57 2.15
C ILE B 314 -19.35 -40.97 2.32
N SER B 315 -20.28 -41.35 1.45
CA SER B 315 -20.94 -42.64 1.56
C SER B 315 -21.25 -43.18 0.16
N LEU B 316 -21.47 -44.48 0.10
CA LEU B 316 -21.76 -45.17 -1.16
C LEU B 316 -22.96 -46.09 -0.97
N THR B 317 -23.75 -46.24 -2.03
CA THR B 317 -24.90 -47.12 -2.03
C THR B 317 -25.00 -47.77 -3.39
N TYR B 318 -26.12 -48.44 -3.66
CA TYR B 318 -26.36 -49.12 -4.92
C TYR B 318 -27.70 -48.70 -5.50
N GLY B 319 -27.82 -48.84 -6.81
CA GLY B 319 -29.03 -48.49 -7.53
C GLY B 319 -29.03 -47.05 -8.02
N ILE B 320 -30.06 -46.73 -8.79
CA ILE B 320 -30.22 -45.38 -9.31
C ILE B 320 -30.48 -44.41 -8.16
N CYS B 321 -29.83 -43.25 -8.20
CA CYS B 321 -29.98 -42.27 -7.14
C CYS B 321 -31.44 -41.83 -7.02
N ASN B 322 -31.92 -41.75 -5.78
CA ASN B 322 -33.27 -41.29 -5.54
C ASN B 322 -33.35 -39.78 -5.75
N GLY B 323 -34.58 -39.26 -5.77
CA GLY B 323 -34.79 -37.83 -5.86
C GLY B 323 -34.19 -37.10 -4.68
N SER B 324 -33.42 -36.05 -4.97
CA SER B 324 -32.73 -35.30 -3.91
C SER B 324 -33.75 -34.52 -3.10
N LEU B 325 -34.01 -34.99 -1.87
CA LEU B 325 -34.92 -34.26 -0.99
C LEU B 325 -34.38 -32.89 -0.64
N TYR B 326 -33.08 -32.80 -0.38
CA TYR B 326 -32.46 -31.52 -0.11
C TYR B 326 -32.48 -30.67 -1.38
N PRO B 327 -32.91 -29.39 -1.29
CA PRO B 327 -33.01 -28.57 -2.51
C PRO B 327 -31.63 -28.28 -3.10
N GLU B 328 -31.64 -28.03 -4.41
CA GLU B 328 -30.40 -27.70 -5.10
C GLU B 328 -29.81 -26.42 -4.53
N PRO B 329 -28.53 -26.39 -4.19
CA PRO B 329 -27.95 -25.19 -3.57
C PRO B 329 -27.95 -24.01 -4.53
N THR B 330 -28.06 -22.81 -3.95
CA THR B 330 -28.04 -21.57 -4.70
C THR B 330 -26.94 -20.67 -4.16
N LEU B 331 -26.41 -19.82 -5.04
CA LEU B 331 -25.34 -18.91 -4.64
C LEU B 331 -25.88 -17.83 -3.72
N VAL B 332 -24.96 -17.17 -3.02
CA VAL B 332 -25.30 -16.08 -2.10
C VAL B 332 -25.84 -14.91 -2.90
N PRO B 333 -26.72 -14.09 -2.34
CA PRO B 333 -27.26 -12.95 -3.11
C PRO B 333 -26.20 -12.00 -3.62
N THR B 334 -25.14 -11.76 -2.84
CA THR B 334 -24.01 -10.89 -3.16
C THR B 334 -24.45 -9.43 -3.26
N PRO B 335 -23.71 -8.50 -2.64
CA PRO B 335 -24.04 -7.08 -2.77
C PRO B 335 -24.02 -6.64 -4.22
N PRO B 336 -25.16 -6.25 -4.78
CA PRO B 336 -25.25 -6.00 -6.22
C PRO B 336 -24.65 -4.65 -6.56
N PRO B 337 -23.70 -4.61 -7.50
CA PRO B 337 -23.22 -3.33 -8.05
C PRO B 337 -24.23 -2.75 -9.06
N GLU B 338 -25.24 -2.07 -8.52
CA GLU B 338 -26.36 -1.61 -9.33
C GLU B 338 -26.02 -0.33 -10.08
N LEU B 339 -24.92 -0.34 -10.84
CA LEU B 339 -24.49 0.76 -11.68
C LEU B 339 -24.45 2.07 -10.91
N PRO B 340 -23.46 2.26 -10.02
CA PRO B 340 -23.40 3.52 -9.26
C PRO B 340 -23.34 4.74 -10.15
N THR B 341 -22.58 4.68 -11.25
CA THR B 341 -22.48 5.74 -12.24
C THR B 341 -22.38 7.13 -11.61
N ASP B 342 -23.47 7.89 -11.70
CA ASP B 342 -23.54 9.23 -11.12
C ASP B 342 -24.96 9.46 -10.63
N CYS B 343 -25.13 9.61 -9.31
CA CYS B 343 -26.46 9.81 -8.76
C CYS B 343 -27.07 11.12 -9.25
N GLY B 344 -26.28 12.19 -9.26
CA GLY B 344 -26.75 13.48 -9.72
C GLY B 344 -27.49 14.26 -8.66
N GLY B 345 -28.72 13.87 -8.36
CA GLY B 345 -29.52 14.56 -7.39
C GLY B 345 -29.88 15.97 -7.81
N PRO B 346 -30.02 16.88 -6.85
CA PRO B 346 -30.31 18.27 -7.19
C PRO B 346 -29.18 18.91 -7.98
N PHE B 347 -29.54 19.79 -8.90
CA PHE B 347 -28.58 20.45 -9.77
C PHE B 347 -28.51 21.95 -9.55
N GLU B 348 -29.65 22.65 -9.55
CA GLU B 348 -29.68 24.09 -9.42
C GLU B 348 -30.68 24.50 -8.36
N LEU B 349 -30.39 25.62 -7.71
CA LEU B 349 -31.28 26.16 -6.68
C LEU B 349 -31.14 27.68 -6.65
N TRP B 350 -32.17 28.34 -6.16
CA TRP B 350 -32.24 29.79 -6.10
C TRP B 350 -32.27 30.27 -4.65
N GLU B 351 -32.47 31.57 -4.48
CA GLU B 351 -32.44 32.17 -3.14
C GLU B 351 -33.41 31.53 -2.15
N PRO B 352 -34.66 31.21 -2.49
CA PRO B 352 -35.54 30.59 -1.48
C PRO B 352 -35.00 29.29 -0.91
N ASN B 353 -34.29 28.48 -1.71
CA ASN B 353 -33.74 27.22 -1.24
C ASN B 353 -32.30 27.46 -0.77
N THR B 354 -32.11 27.44 0.55
CA THR B 354 -30.79 27.68 1.14
C THR B 354 -30.26 26.44 1.85
N THR B 355 -31.02 25.89 2.79
CA THR B 355 -30.55 24.74 3.57
C THR B 355 -30.84 23.45 2.83
N PHE B 356 -29.82 22.60 2.71
CA PHE B 356 -29.97 21.33 2.00
C PHE B 356 -28.87 20.38 2.45
N SER B 357 -29.24 19.12 2.65
CA SER B 357 -28.25 18.07 2.84
C SER B 357 -27.59 17.75 1.51
N SER B 358 -26.36 17.22 1.59
CA SER B 358 -25.62 16.93 0.36
C SER B 358 -26.35 15.89 -0.48
N THR B 359 -26.36 14.64 -0.02
CA THR B 359 -27.27 13.63 -0.55
C THR B 359 -28.14 13.02 0.54
N ASN B 360 -27.51 12.46 1.58
CA ASN B 360 -28.20 11.90 2.75
C ASN B 360 -27.39 12.22 3.99
N PHE B 361 -26.95 13.48 4.11
CA PHE B 361 -26.03 13.99 5.12
C PHE B 361 -26.27 13.45 6.54
N PRO B 362 -27.52 13.28 6.99
CA PRO B 362 -27.71 12.65 8.31
C PRO B 362 -27.09 11.28 8.42
N ASN B 363 -27.08 10.48 7.36
CA ASN B 363 -26.52 9.13 7.41
C ASN B 363 -25.19 9.02 6.70
N SER B 364 -25.15 9.29 5.39
CA SER B 364 -23.94 9.11 4.59
C SER B 364 -24.21 9.64 3.19
N TYR B 365 -23.19 9.53 2.32
CA TYR B 365 -23.33 9.85 0.91
C TYR B 365 -22.92 8.64 0.06
N PRO B 366 -23.57 8.44 -1.08
CA PRO B 366 -23.26 7.24 -1.89
C PRO B 366 -21.87 7.30 -2.50
N ASN B 367 -21.32 6.12 -2.74
CA ASN B 367 -20.03 6.00 -3.38
C ASN B 367 -20.13 6.28 -4.88
N LEU B 368 -19.02 6.70 -5.47
CA LEU B 368 -18.93 7.01 -6.89
C LEU B 368 -19.98 8.04 -7.30
N ALA B 369 -20.14 9.07 -6.47
CA ALA B 369 -21.10 10.12 -6.72
C ALA B 369 -20.39 11.39 -7.17
N PHE B 370 -20.88 11.99 -8.26
CA PHE B 370 -20.36 13.25 -8.78
C PHE B 370 -21.53 14.22 -8.82
N CYS B 371 -21.77 14.89 -7.70
CA CYS B 371 -22.92 15.78 -7.56
C CYS B 371 -22.53 17.20 -7.96
N VAL B 372 -23.37 17.81 -8.81
CA VAL B 372 -23.13 19.16 -9.29
C VAL B 372 -24.26 20.04 -8.76
N TRP B 373 -23.89 21.08 -8.02
CA TRP B 373 -24.83 22.07 -7.50
C TRP B 373 -24.56 23.39 -8.22
N ILE B 374 -25.59 23.94 -8.84
CA ILE B 374 -25.49 25.20 -9.59
C ILE B 374 -26.12 26.28 -8.73
N LEU B 375 -25.27 27.09 -8.09
CA LEU B 375 -25.72 28.19 -7.25
C LEU B 375 -25.84 29.45 -8.12
N ASN B 376 -27.07 29.84 -8.43
CA ASN B 376 -27.35 31.00 -9.25
C ASN B 376 -27.93 32.11 -8.41
N ALA B 377 -27.35 33.31 -8.52
CA ALA B 377 -27.80 34.48 -7.78
C ALA B 377 -28.16 35.59 -8.75
N GLN B 378 -28.79 36.64 -8.21
CA GLN B 378 -29.17 37.78 -9.02
C GLN B 378 -27.94 38.54 -9.49
N LYS B 379 -28.12 39.33 -10.55
CA LYS B 379 -27.02 40.06 -11.15
C LYS B 379 -26.41 41.04 -10.15
N GLY B 380 -25.08 41.04 -10.07
CA GLY B 380 -24.36 41.93 -9.18
C GLY B 380 -24.20 41.45 -7.75
N LYS B 381 -24.74 40.28 -7.42
CA LYS B 381 -24.68 39.74 -6.06
C LYS B 381 -23.66 38.61 -6.00
N ASN B 382 -22.77 38.67 -5.02
CA ASN B 382 -21.83 37.60 -4.78
C ASN B 382 -22.50 36.48 -3.97
N ILE B 383 -21.83 35.33 -3.92
CA ILE B 383 -22.34 34.14 -3.24
C ILE B 383 -21.34 33.73 -2.17
N GLN B 384 -21.82 33.54 -0.94
CA GLN B 384 -21.00 33.04 0.16
C GLN B 384 -21.53 31.67 0.56
N LEU B 385 -20.67 30.66 0.46
CA LEU B 385 -21.10 29.29 0.77
C LEU B 385 -21.37 29.12 2.26
N HIS B 386 -20.45 29.56 3.11
CA HIS B 386 -20.60 29.55 4.56
C HIS B 386 -20.96 28.15 5.07
N PHE B 387 -20.00 27.24 4.91
CA PHE B 387 -20.18 25.85 5.32
C PHE B 387 -20.63 25.75 6.78
N GLN B 388 -21.65 24.93 7.01
CA GLN B 388 -22.18 24.72 8.36
C GLN B 388 -21.51 23.53 9.03
N GLU B 389 -21.62 22.34 8.43
CA GLU B 389 -20.96 21.14 8.91
C GLU B 389 -20.25 20.48 7.74
N PHE B 390 -19.06 19.95 8.01
CA PHE B 390 -18.21 19.38 6.96
C PHE B 390 -17.44 18.20 7.53
N ASP B 391 -17.70 17.00 7.00
CA ASP B 391 -17.03 15.78 7.45
C ASP B 391 -16.77 14.89 6.23
N LEU B 392 -15.60 15.05 5.64
CA LEU B 392 -15.17 14.19 4.54
C LEU B 392 -14.14 13.17 5.02
N GLU B 393 -13.55 12.41 4.11
CA GLU B 393 -12.65 11.34 4.50
C GLU B 393 -11.29 11.89 4.95
N ASN B 394 -10.56 12.50 4.01
CA ASN B 394 -9.23 13.06 4.27
C ASN B 394 -8.62 13.64 3.00
N ILE B 395 -8.06 12.77 2.16
CA ILE B 395 -7.38 13.24 0.95
C ILE B 395 -8.11 12.75 -0.29
N ASN B 396 -8.97 11.73 -0.14
CA ASN B 396 -9.68 11.18 -1.29
C ASN B 396 -10.96 11.96 -1.58
N ASP B 397 -11.84 12.05 -0.60
CA ASP B 397 -13.06 12.84 -0.74
C ASP B 397 -12.72 14.33 -0.80
N VAL B 398 -13.15 15.01 -1.85
CA VAL B 398 -12.85 16.43 -2.02
C VAL B 398 -14.09 17.18 -2.49
N VAL B 399 -14.34 18.34 -1.90
CA VAL B 399 -15.40 19.22 -2.40
C VAL B 399 -14.79 20.37 -3.16
N GLU B 400 -15.12 20.47 -4.44
CA GLU B 400 -14.53 21.45 -5.34
C GLU B 400 -15.55 22.55 -5.63
N ILE B 401 -15.12 23.80 -5.43
CA ILE B 401 -15.96 24.96 -5.67
C ILE B 401 -15.31 25.79 -6.76
N ARG B 402 -16.08 26.10 -7.81
CA ARG B 402 -15.58 26.84 -8.96
C ARG B 402 -16.48 28.03 -9.23
N ASP B 403 -16.08 28.84 -10.20
CA ASP B 403 -16.84 29.99 -10.66
C ASP B 403 -17.43 29.68 -12.03
N GLY B 404 -18.73 29.88 -12.16
CA GLY B 404 -19.45 29.54 -13.38
C GLY B 404 -19.56 30.68 -14.36
N GLU B 405 -20.62 30.64 -15.17
CA GLU B 405 -20.98 31.64 -16.19
C GLU B 405 -20.01 31.64 -17.36
N GLU B 406 -18.95 30.83 -17.33
CA GLU B 406 -17.99 30.74 -18.42
C GLU B 406 -17.57 29.30 -18.61
N ALA B 407 -17.13 28.97 -19.83
CA ALA B 407 -16.66 27.62 -20.12
C ALA B 407 -15.42 27.29 -19.31
N ASP B 408 -14.49 28.24 -19.18
CA ASP B 408 -13.26 28.05 -18.41
C ASP B 408 -13.53 28.47 -16.97
N SER B 409 -14.03 27.51 -16.19
CA SER B 409 -14.33 27.77 -14.79
C SER B 409 -13.05 28.01 -13.99
N LEU B 410 -13.17 28.89 -12.99
CA LEU B 410 -12.04 29.25 -12.14
C LEU B 410 -12.23 28.60 -10.77
N LEU B 411 -11.23 27.82 -10.36
CA LEU B 411 -11.29 27.17 -9.06
C LEU B 411 -11.17 28.21 -7.94
N LEU B 412 -12.02 28.07 -6.93
CA LEU B 412 -12.03 29.00 -5.80
C LEU B 412 -11.36 28.40 -4.57
N ALA B 413 -11.82 27.23 -4.13
CA ALA B 413 -11.24 26.57 -2.97
C ALA B 413 -11.56 25.08 -3.03
N VAL B 414 -10.73 24.30 -2.35
CA VAL B 414 -10.91 22.86 -2.23
C VAL B 414 -10.95 22.51 -0.76
N TYR B 415 -12.01 21.82 -0.34
CA TYR B 415 -12.22 21.44 1.05
C TYR B 415 -12.27 19.93 1.18
N THR B 416 -11.62 19.41 2.21
CA THR B 416 -11.57 17.97 2.44
C THR B 416 -11.23 17.72 3.90
N GLY B 417 -11.50 16.50 4.34
CA GLY B 417 -11.18 16.08 5.68
C GLY B 417 -12.20 16.56 6.70
N PRO B 418 -12.08 16.09 7.93
CA PRO B 418 -12.99 16.52 8.99
C PRO B 418 -12.67 17.92 9.47
N GLY B 419 -13.59 18.47 10.26
CA GLY B 419 -13.43 19.77 10.85
C GLY B 419 -14.07 20.88 10.04
N PRO B 420 -14.33 22.01 10.67
CA PRO B 420 -14.94 23.14 9.95
C PRO B 420 -13.98 23.73 8.93
N VAL B 421 -14.57 24.34 7.90
CA VAL B 421 -13.82 24.98 6.82
C VAL B 421 -14.31 26.40 6.65
N LYS B 422 -13.46 27.22 6.04
CA LYS B 422 -13.75 28.64 5.85
C LYS B 422 -14.79 28.83 4.75
N ASP B 423 -15.31 30.06 4.68
CA ASP B 423 -16.30 30.40 3.66
C ASP B 423 -15.62 30.62 2.32
N VAL B 424 -16.43 30.60 1.26
CA VAL B 424 -15.97 30.78 -0.10
C VAL B 424 -16.72 31.96 -0.72
N PHE B 425 -15.98 32.87 -1.35
CA PHE B 425 -16.55 34.03 -2.03
C PHE B 425 -16.33 33.88 -3.53
N SER B 426 -17.41 34.01 -4.29
CA SER B 426 -17.36 33.88 -5.74
C SER B 426 -17.23 35.24 -6.41
N THR B 427 -16.45 35.27 -7.49
CA THR B 427 -16.24 36.50 -8.24
C THR B 427 -17.50 37.04 -8.89
N THR B 428 -18.32 36.17 -9.47
CA THR B 428 -19.54 36.59 -10.14
C THR B 428 -20.77 35.97 -9.48
N ASN B 429 -21.94 36.17 -10.08
CA ASN B 429 -23.19 35.68 -9.51
C ASN B 429 -23.49 34.25 -9.95
N ARG B 430 -22.51 33.35 -9.75
CA ARG B 430 -22.71 31.94 -10.03
C ARG B 430 -21.60 31.15 -9.36
N MET B 431 -21.97 30.11 -8.62
CA MET B 431 -21.03 29.23 -7.94
C MET B 431 -21.40 27.78 -8.22
N THR B 432 -20.40 26.95 -8.47
CA THR B 432 -20.59 25.54 -8.73
C THR B 432 -19.93 24.73 -7.63
N VAL B 433 -20.69 23.82 -7.03
CA VAL B 433 -20.20 22.96 -5.95
C VAL B 433 -20.12 21.54 -6.50
N LEU B 434 -18.93 20.96 -6.45
CA LEU B 434 -18.68 19.62 -6.96
C LEU B 434 -18.28 18.70 -5.82
N LEU B 435 -18.91 17.54 -5.74
CA LEU B 435 -18.62 16.53 -4.73
C LEU B 435 -18.07 15.30 -5.43
N ILE B 436 -16.81 14.99 -5.16
CA ILE B 436 -16.16 13.79 -5.69
C ILE B 436 -16.04 12.79 -4.56
N THR B 437 -16.64 11.61 -4.75
CA THR B 437 -16.69 10.59 -3.71
C THR B 437 -15.88 9.38 -4.14
N ASN B 438 -15.50 8.56 -3.16
CA ASN B 438 -14.76 7.34 -3.41
C ASN B 438 -15.63 6.14 -3.05
N ASP B 439 -15.12 4.93 -3.33
CA ASP B 439 -15.93 3.74 -3.13
C ASP B 439 -15.76 3.18 -1.71
N VAL B 440 -14.87 3.78 -0.92
CA VAL B 440 -14.58 3.29 0.40
C VAL B 440 -14.58 4.44 1.40
N LEU B 441 -15.09 4.16 2.60
CA LEU B 441 -15.10 5.10 3.72
C LEU B 441 -15.85 6.39 3.36
N ALA B 442 -17.14 6.23 3.12
CA ALA B 442 -18.03 7.33 2.79
C ALA B 442 -18.61 7.90 4.08
N ARG B 443 -18.18 9.11 4.45
CA ARG B 443 -18.58 9.73 5.70
C ARG B 443 -20.03 10.24 5.59
N GLY B 444 -20.46 10.99 6.60
CA GLY B 444 -21.82 11.50 6.59
C GLY B 444 -22.09 12.50 5.48
N GLY B 445 -21.17 13.44 5.28
CA GLY B 445 -21.33 14.43 4.23
C GLY B 445 -21.09 15.85 4.69
N PHE B 446 -21.75 16.81 4.04
CA PHE B 446 -21.58 18.21 4.36
C PHE B 446 -22.90 18.94 4.16
N LYS B 447 -23.02 20.11 4.79
CA LYS B 447 -24.20 20.95 4.69
C LYS B 447 -23.78 22.38 4.43
N ALA B 448 -24.55 23.08 3.59
CA ALA B 448 -24.21 24.43 3.15
C ALA B 448 -25.22 25.43 3.68
N ASN B 449 -25.01 26.69 3.32
CA ASN B 449 -25.84 27.81 3.76
C ASN B 449 -26.44 28.60 2.61
N PHE B 450 -25.70 28.79 1.52
CA PHE B 450 -26.15 29.52 0.34
C PHE B 450 -26.54 30.96 0.70
N THR B 451 -25.54 31.71 1.12
CA THR B 451 -25.70 33.12 1.47
C THR B 451 -25.27 33.98 0.28
N THR B 452 -26.13 34.92 -0.10
CA THR B 452 -25.87 35.81 -1.23
C THR B 452 -26.05 37.26 -0.79
N GLY B 453 -25.30 38.14 -1.44
CA GLY B 453 -25.36 39.56 -1.11
C GLY B 453 -24.39 40.34 -1.95
N TYR B 454 -24.32 41.64 -1.66
CA TYR B 454 -23.44 42.56 -2.36
C TYR B 454 -22.16 42.76 -1.56
N HIS B 455 -21.01 42.58 -2.22
CA HIS B 455 -19.70 42.81 -1.63
C HIS B 455 -19.53 41.99 -0.34
N LEU B 456 -19.85 40.70 -0.44
CA LEU B 456 -19.72 39.81 0.71
C LEU B 456 -18.26 39.70 1.16
N GLY B 457 -17.34 39.57 0.21
CA GLY B 457 -15.92 39.51 0.51
C GLY B 457 -15.11 40.73 0.11
N ILE B 458 -15.75 41.80 -0.32
CA ILE B 458 -15.06 43.01 -0.76
C ILE B 458 -15.18 44.05 0.35
N PRO B 459 -14.07 44.46 0.97
CA PRO B 459 -14.16 45.48 2.02
C PRO B 459 -14.55 46.84 1.45
N GLU B 460 -15.07 47.68 2.33
CA GLU B 460 -15.52 49.00 1.92
C GLU B 460 -14.33 49.84 1.45
N PRO B 461 -14.40 50.47 0.28
CA PRO B 461 -13.28 51.28 -0.19
C PRO B 461 -13.03 52.49 0.72
N CYS B 462 -11.77 52.88 0.79
CA CYS B 462 -11.39 54.04 1.61
C CYS B 462 -11.92 55.32 0.98
N LYS B 463 -12.19 56.30 1.82
CA LYS B 463 -12.71 57.59 1.39
C LYS B 463 -11.56 58.60 1.23
N ALA B 464 -11.92 59.80 0.80
CA ALA B 464 -10.96 60.90 0.60
C ALA B 464 -9.86 60.53 -0.39
N ASP B 465 -10.19 59.70 -1.38
CA ASP B 465 -9.24 59.27 -2.41
C ASP B 465 -8.00 58.63 -1.81
N HIS B 466 -8.21 57.78 -0.80
CA HIS B 466 -7.12 57.08 -0.13
C HIS B 466 -6.96 55.69 -0.72
N PHE B 467 -5.73 55.32 -1.04
CA PHE B 467 -5.45 54.00 -1.60
C PHE B 467 -5.67 52.92 -0.55
N GLN B 468 -6.12 51.75 -1.02
CA GLN B 468 -6.43 50.63 -0.15
C GLN B 468 -5.68 49.39 -0.64
N CYS B 469 -5.11 48.64 0.30
CA CYS B 469 -4.39 47.42 -0.03
C CYS B 469 -5.35 46.23 0.01
N LYS B 470 -4.82 45.03 -0.25
CA LYS B 470 -5.65 43.83 -0.28
C LYS B 470 -6.22 43.53 1.10
N ASN B 471 -5.43 43.74 2.16
CA ASN B 471 -5.89 43.48 3.51
C ASN B 471 -6.93 44.49 4.00
N GLY B 472 -7.15 45.57 3.25
CA GLY B 472 -8.13 46.56 3.62
C GLY B 472 -7.61 47.72 4.46
N GLU B 473 -6.34 47.69 4.84
CA GLU B 473 -5.78 48.78 5.62
C GLU B 473 -5.73 50.06 4.79
N CYS B 474 -5.99 51.19 5.44
CA CYS B 474 -6.01 52.47 4.75
C CYS B 474 -4.59 52.97 4.53
N VAL B 475 -4.23 53.18 3.28
CA VAL B 475 -2.88 53.65 2.92
C VAL B 475 -3.02 54.89 2.05
N PRO B 476 -3.31 56.06 2.63
CA PRO B 476 -3.42 57.28 1.81
C PRO B 476 -2.13 57.64 1.09
N LEU B 477 -1.06 57.87 1.86
CA LEU B 477 0.23 58.24 1.30
C LEU B 477 1.42 57.57 1.95
N VAL B 478 1.25 56.92 3.10
CA VAL B 478 2.40 56.48 3.90
C VAL B 478 3.20 55.41 3.15
N ASN B 479 2.51 54.41 2.58
CA ASN B 479 3.16 53.23 2.02
C ASN B 479 2.90 53.13 0.52
N LEU B 480 3.02 54.25 -0.19
CA LEU B 480 2.88 54.26 -1.65
C LEU B 480 4.26 54.03 -2.25
N CYS B 481 4.62 52.76 -2.43
CA CYS B 481 5.91 52.35 -2.98
C CYS B 481 7.07 52.92 -2.17
N ASP B 482 6.88 53.08 -0.86
CA ASP B 482 7.89 53.66 0.01
C ASP B 482 8.78 52.62 0.68
N GLY B 483 8.44 51.34 0.56
CA GLY B 483 9.26 50.29 1.15
C GLY B 483 8.94 50.01 2.60
N HIS B 484 7.68 49.68 2.89
CA HIS B 484 7.24 49.35 4.23
C HIS B 484 6.46 48.04 4.21
N LEU B 485 5.96 47.65 5.39
CA LEU B 485 5.20 46.42 5.56
C LEU B 485 3.87 46.69 6.25
N HIS B 486 3.16 47.72 5.80
CA HIS B 486 1.87 48.05 6.41
C HIS B 486 0.85 46.93 6.19
N CYS B 487 0.80 46.38 4.98
CA CYS B 487 -0.08 45.27 4.66
C CYS B 487 0.77 44.05 4.32
N GLU B 488 0.44 42.90 4.91
CA GLU B 488 1.18 41.68 4.67
C GLU B 488 1.02 41.18 3.24
N ASP B 489 -0.03 41.60 2.53
CA ASP B 489 -0.21 41.20 1.15
C ASP B 489 0.89 41.75 0.25
N GLY B 490 1.33 42.98 0.51
CA GLY B 490 2.34 43.62 -0.30
C GLY B 490 1.82 44.36 -1.52
N SER B 491 0.50 44.46 -1.68
CA SER B 491 -0.05 45.20 -2.82
C SER B 491 0.27 46.68 -2.74
N ASP B 492 0.32 47.24 -1.54
CA ASP B 492 0.67 48.65 -1.38
C ASP B 492 2.10 48.94 -1.78
N GLU B 493 2.96 47.92 -1.83
CA GLU B 493 4.35 48.06 -2.24
C GLU B 493 4.58 47.54 -3.65
N ALA B 494 3.62 47.75 -4.54
CA ALA B 494 3.76 47.30 -5.92
C ALA B 494 4.88 48.06 -6.62
N ASP B 495 5.47 47.42 -7.62
CA ASP B 495 6.59 48.00 -8.35
C ASP B 495 6.18 49.28 -9.06
N CYS B 496 6.71 50.41 -8.60
CA CYS B 496 6.46 51.70 -9.23
C CYS B 496 7.53 52.09 -10.25
N VAL B 497 8.44 51.17 -10.56
CA VAL B 497 9.47 51.39 -11.57
C VAL B 497 9.31 50.32 -12.65
N ARG B 498 9.29 50.74 -13.91
CA ARG B 498 9.10 49.82 -15.01
C ARG B 498 9.71 50.41 -16.27
N PHE B 499 9.90 49.56 -17.27
CA PHE B 499 10.44 49.97 -18.56
C PHE B 499 9.38 50.70 -19.37
N PHE B 500 9.84 51.34 -20.45
CA PHE B 500 8.95 52.09 -21.38
C PHE B 500 9.60 52.10 -22.77
N ASN B 501 8.91 51.74 -23.86
CA ASN B 501 9.55 51.76 -25.22
C ASN B 501 10.96 51.10 -25.23
N GLY B 502 11.14 49.85 -24.77
CA GLY B 502 12.52 49.33 -24.78
C GLY B 502 12.76 48.42 -25.98
N THR B 503 13.99 47.93 -26.13
CA THR B 503 14.36 47.04 -27.24
C THR B 503 13.94 45.61 -26.94
N THR B 504 14.18 45.14 -25.72
CA THR B 504 13.81 43.79 -25.33
C THR B 504 13.11 43.80 -23.98
N ASN B 505 12.89 42.62 -23.39
CA ASN B 505 12.24 42.54 -22.10
C ASN B 505 13.06 43.23 -21.01
N ASN B 506 14.37 43.01 -21.02
CA ASN B 506 15.27 43.62 -20.04
C ASN B 506 15.91 44.88 -20.63
N ASN B 507 15.04 45.81 -21.05
CA ASN B 507 15.49 47.08 -21.61
C ASN B 507 14.33 48.06 -21.60
N GLY B 508 14.65 49.33 -21.39
CA GLY B 508 13.64 50.36 -21.39
C GLY B 508 14.21 51.68 -20.94
N LEU B 509 13.35 52.70 -20.97
CA LEU B 509 13.72 54.05 -20.56
C LEU B 509 13.41 54.24 -19.08
N VAL B 510 13.63 55.46 -18.60
CA VAL B 510 13.39 55.79 -17.19
C VAL B 510 11.90 56.05 -16.99
N ARG B 511 11.31 55.39 -15.99
CA ARG B 511 9.90 55.59 -15.66
C ARG B 511 9.74 55.29 -14.17
N PHE B 512 9.68 56.35 -13.36
CA PHE B 512 9.56 56.23 -11.92
C PHE B 512 8.27 56.91 -11.45
N ARG B 513 7.58 56.25 -10.53
CA ARG B 513 6.32 56.75 -9.97
C ARG B 513 6.49 56.94 -8.47
N ILE B 514 6.14 58.14 -7.98
CA ILE B 514 6.27 58.44 -6.56
C ILE B 514 5.03 57.95 -5.83
N GLN B 515 3.86 58.49 -6.20
CA GLN B 515 2.61 58.07 -5.58
C GLN B 515 1.64 57.46 -6.59
N SER B 516 1.22 58.23 -7.60
CA SER B 516 0.30 57.72 -8.62
C SER B 516 0.62 58.18 -10.02
N ILE B 517 1.71 58.91 -10.25
CA ILE B 517 2.02 59.50 -11.55
C ILE B 517 3.38 58.97 -12.00
N TRP B 518 3.40 58.42 -13.21
CA TRP B 518 4.65 57.95 -13.80
C TRP B 518 5.39 59.10 -14.47
N HIS B 519 6.71 59.12 -14.31
CA HIS B 519 7.52 60.19 -14.87
C HIS B 519 8.94 59.68 -15.08
N THR B 520 9.69 60.44 -15.89
CA THR B 520 11.07 60.10 -16.19
C THR B 520 11.97 60.44 -14.99
N ALA B 521 13.28 60.27 -15.18
CA ALA B 521 14.24 60.47 -14.12
C ALA B 521 15.48 61.17 -14.67
N CYS B 522 16.23 61.80 -13.77
CA CYS B 522 17.47 62.48 -14.10
C CYS B 522 18.65 61.59 -13.73
N ALA B 523 19.51 61.31 -14.71
CA ALA B 523 20.69 60.46 -14.53
C ALA B 523 21.91 61.11 -15.18
N GLU B 524 22.14 62.39 -14.87
CA GLU B 524 23.29 63.09 -15.44
C GLU B 524 24.59 62.41 -15.05
N ASN B 525 24.71 61.98 -13.80
CA ASN B 525 25.84 61.16 -13.35
C ASN B 525 25.35 59.74 -13.13
N TRP B 526 26.10 58.77 -13.66
CA TRP B 526 25.72 57.36 -13.54
C TRP B 526 26.90 56.58 -12.98
N THR B 527 26.63 55.76 -11.97
CA THR B 527 27.65 54.91 -11.37
C THR B 527 27.14 53.48 -11.25
N THR B 528 27.88 52.62 -10.56
CA THR B 528 27.44 51.24 -10.35
C THR B 528 26.35 51.16 -9.30
N GLN B 529 26.38 52.02 -8.28
CA GLN B 529 25.40 51.96 -7.21
C GLN B 529 23.99 52.23 -7.72
N ILE B 530 23.84 53.25 -8.56
CA ILE B 530 22.51 53.58 -9.08
C ILE B 530 22.01 52.46 -10.00
N SER B 531 22.90 51.87 -10.79
CA SER B 531 22.50 50.74 -11.64
C SER B 531 22.03 49.56 -10.79
N ASN B 532 22.76 49.27 -9.71
CA ASN B 532 22.34 48.18 -8.81
C ASN B 532 21.00 48.49 -8.15
N ASP B 533 20.79 49.74 -7.76
CA ASP B 533 19.51 50.13 -7.17
C ASP B 533 18.37 49.96 -8.18
N VAL B 534 18.60 50.37 -9.43
CA VAL B 534 17.58 50.19 -10.46
C VAL B 534 17.29 48.71 -10.68
N CYS B 535 18.33 47.89 -10.73
CA CYS B 535 18.14 46.45 -10.89
C CYS B 535 17.32 45.87 -9.74
N GLN B 536 17.64 46.27 -8.50
CA GLN B 536 16.90 45.78 -7.35
C GLN B 536 15.45 46.21 -7.39
N LEU B 537 15.20 47.46 -7.79
CA LEU B 537 13.82 47.94 -7.90
C LEU B 537 13.05 47.16 -8.98
N LEU B 538 13.71 46.85 -10.08
CA LEU B 538 13.08 46.10 -11.17
C LEU B 538 13.07 44.59 -10.92
N GLY B 539 13.71 44.12 -9.86
CA GLY B 539 13.72 42.70 -9.57
C GLY B 539 14.60 41.86 -10.49
N LEU B 540 15.59 42.48 -11.12
CA LEU B 540 16.50 41.77 -12.01
C LEU B 540 17.80 41.45 -11.26
N GLY B 541 18.78 40.92 -11.99
CA GLY B 541 20.06 40.54 -11.43
C GLY B 541 21.07 41.64 -11.48
N SER B 542 22.35 41.26 -11.60
CA SER B 542 23.41 42.24 -11.67
C SER B 542 23.36 43.01 -12.98
N GLY B 543 23.56 44.32 -12.89
CA GLY B 543 23.54 45.17 -14.07
C GLY B 543 24.80 45.99 -14.23
N ASN B 544 24.80 46.92 -15.19
CA ASN B 544 25.96 47.77 -15.44
C ASN B 544 25.46 49.14 -15.90
N SER B 545 26.40 49.94 -16.40
CA SER B 545 26.11 51.33 -16.76
C SER B 545 25.39 51.43 -18.10
N SER B 546 24.86 52.61 -18.37
CA SER B 546 24.17 52.90 -19.62
C SER B 546 24.37 54.36 -19.97
N LYS B 547 24.13 54.69 -21.23
CA LYS B 547 24.34 56.04 -21.72
C LYS B 547 23.09 56.53 -22.45
N PRO B 548 22.83 57.83 -22.42
CA PRO B 548 21.68 58.39 -23.13
C PRO B 548 21.93 58.47 -24.63
N ILE B 549 20.86 58.74 -25.36
CA ILE B 549 20.89 58.88 -26.82
C ILE B 549 20.79 60.34 -27.24
N PHE B 550 19.68 61.01 -26.91
CA PHE B 550 19.49 62.40 -27.30
C PHE B 550 18.39 63.00 -26.42
N PRO B 551 18.53 64.26 -25.99
CA PRO B 551 17.47 64.86 -25.16
C PRO B 551 16.23 65.22 -25.95
N THR B 552 15.39 64.22 -26.22
CA THR B 552 14.16 64.43 -26.99
C THR B 552 12.96 64.76 -26.11
N ASP B 553 13.11 64.76 -24.79
CA ASP B 553 12.01 65.02 -23.87
C ASP B 553 12.42 66.12 -22.90
N GLY B 554 11.55 67.11 -22.72
CA GLY B 554 11.80 68.19 -21.79
C GLY B 554 10.68 68.35 -20.78
N GLY B 555 10.11 67.24 -20.32
CA GLY B 555 9.00 67.27 -19.41
C GLY B 555 9.43 67.41 -17.96
N PRO B 556 8.52 67.11 -17.03
CA PRO B 556 8.84 67.23 -15.59
C PRO B 556 9.72 66.09 -15.07
N PHE B 557 11.01 66.19 -15.38
CA PHE B 557 11.98 65.21 -14.91
C PHE B 557 12.17 65.33 -13.40
N VAL B 558 12.42 64.20 -12.76
CA VAL B 558 12.63 64.13 -11.32
C VAL B 558 14.02 63.55 -11.07
N LYS B 559 14.82 64.27 -10.30
CA LYS B 559 16.18 63.82 -10.01
C LYS B 559 16.17 62.59 -9.10
N LEU B 560 17.22 61.78 -9.23
CA LEU B 560 17.39 60.58 -8.43
C LEU B 560 18.49 60.81 -7.40
N ASN B 561 18.20 60.51 -6.15
CA ASN B 561 19.16 60.65 -5.06
C ASN B 561 19.42 59.27 -4.45
N THR B 562 20.70 58.91 -4.36
CA THR B 562 21.10 57.62 -3.80
C THR B 562 21.47 57.77 -2.33
N ALA B 563 21.46 56.63 -1.64
CA ALA B 563 21.78 56.58 -0.22
C ALA B 563 22.77 55.45 0.04
N PRO B 564 23.60 55.56 1.08
CA PRO B 564 24.53 54.47 1.39
C PRO B 564 23.85 53.17 1.78
N ASP B 565 22.59 53.22 2.22
CA ASP B 565 21.85 52.03 2.60
C ASP B 565 21.19 51.33 1.42
N GLY B 566 21.32 51.89 0.21
CA GLY B 566 20.71 51.31 -0.98
C GLY B 566 19.33 51.82 -1.30
N HIS B 567 18.72 52.63 -0.43
CA HIS B 567 17.41 53.18 -0.70
C HIS B 567 17.51 54.35 -1.67
N LEU B 568 16.53 54.44 -2.57
CA LEU B 568 16.49 55.50 -3.57
C LEU B 568 15.58 56.61 -3.09
N ILE B 569 16.06 57.85 -3.16
CA ILE B 569 15.31 59.02 -2.73
C ILE B 569 14.88 59.80 -3.96
N LEU B 570 13.58 60.05 -4.08
CA LEU B 570 13.00 60.77 -5.21
C LEU B 570 12.72 62.20 -4.79
N THR B 571 13.38 63.15 -5.44
CA THR B 571 13.20 64.57 -5.14
C THR B 571 12.46 65.25 -6.28
N PRO B 572 11.19 65.61 -6.12
CA PRO B 572 10.43 66.26 -7.21
C PRO B 572 10.80 67.74 -7.36
N SER B 573 12.04 67.98 -7.76
CA SER B 573 12.56 69.33 -7.97
C SER B 573 13.49 69.30 -9.16
N GLN B 574 13.04 69.86 -10.29
CA GLN B 574 13.82 69.87 -11.53
C GLN B 574 14.77 71.06 -11.50
N GLN B 575 15.84 70.92 -10.74
CA GLN B 575 16.89 71.95 -10.67
C GLN B 575 18.01 71.64 -11.65
N CYS B 576 17.64 71.52 -12.92
CA CYS B 576 18.59 71.20 -13.98
C CYS B 576 18.03 71.69 -15.30
N LEU B 577 18.93 71.76 -16.30
CA LEU B 577 18.57 72.22 -17.62
C LEU B 577 19.02 71.20 -18.66
N GLN B 578 18.32 71.20 -19.80
CA GLN B 578 18.62 70.30 -20.91
C GLN B 578 18.55 68.84 -20.47
N ASP B 579 17.39 68.46 -19.93
CA ASP B 579 17.17 67.09 -19.49
C ASP B 579 17.12 66.15 -20.69
N SER B 580 17.64 64.94 -20.49
CA SER B 580 17.73 63.94 -21.55
C SER B 580 17.16 62.61 -21.07
N LEU B 581 16.59 61.87 -22.02
CA LEU B 581 16.09 60.53 -21.71
C LEU B 581 17.25 59.58 -21.41
N ILE B 582 17.07 58.73 -20.41
CA ILE B 582 18.09 57.80 -19.95
C ILE B 582 17.57 56.38 -20.12
N ARG B 583 18.38 55.53 -20.76
CA ARG B 583 18.00 54.13 -20.95
C ARG B 583 18.37 53.32 -19.72
N LEU B 584 17.45 52.48 -19.27
CA LEU B 584 17.68 51.58 -18.14
C LEU B 584 18.05 50.20 -18.66
N GLN B 585 19.23 49.74 -18.29
CA GLN B 585 19.74 48.45 -18.75
C GLN B 585 20.13 47.61 -17.54
N CYS B 586 19.64 46.37 -17.50
CA CYS B 586 20.01 45.43 -16.46
C CYS B 586 19.91 44.01 -17.01
N ASN B 587 20.58 43.08 -16.33
CA ASN B 587 20.59 41.68 -16.72
C ASN B 587 19.72 40.86 -15.75
N HIS B 588 19.28 39.72 -16.23
CA HIS B 588 18.44 38.84 -15.43
C HIS B 588 19.25 38.18 -14.32
N LYS B 589 18.53 37.66 -13.33
CA LYS B 589 19.18 36.97 -12.22
C LYS B 589 19.81 35.67 -12.68
N SER B 590 20.82 35.23 -11.94
CA SER B 590 21.52 34.00 -12.27
C SER B 590 20.59 32.80 -12.14
N CYS B 591 20.40 32.07 -13.24
CA CYS B 591 19.53 30.92 -13.30
C CYS B 591 20.36 29.64 -13.23
N GLY B 592 19.69 28.50 -13.41
CA GLY B 592 20.32 27.21 -13.22
C GLY B 592 21.32 26.84 -14.29
N LYS B 593 22.47 27.53 -14.31
CA LYS B 593 23.54 27.14 -15.20
C LYS B 593 24.21 25.87 -14.70
N LYS B 594 24.41 24.90 -15.59
CA LYS B 594 24.98 23.63 -15.20
C LYS B 594 26.43 23.81 -14.77
N LEU B 595 26.81 23.17 -13.66
CA LEU B 595 28.16 23.25 -13.14
C LEU B 595 28.83 21.90 -12.97
N ALA B 596 28.08 20.84 -12.65
CA ALA B 596 28.67 19.52 -12.50
C ALA B 596 29.15 18.99 -13.85
N ALA B 597 30.27 18.27 -13.82
CA ALA B 597 30.85 17.69 -15.03
C ALA B 597 30.12 16.38 -15.32
N GLN B 598 28.93 16.51 -15.91
CA GLN B 598 28.13 15.34 -16.25
C GLN B 598 28.79 14.55 -17.37
N ASP B 599 28.78 13.23 -17.23
CA ASP B 599 29.36 12.36 -18.23
C ASP B 599 28.40 12.16 -19.40
N ILE B 600 28.83 11.37 -20.38
CA ILE B 600 28.04 11.08 -21.57
C ILE B 600 27.77 9.57 -21.62
N THR B 601 26.48 9.21 -21.70
CA THR B 601 26.05 7.81 -21.76
C THR B 601 25.27 7.60 -23.05
N PRO B 602 25.93 7.16 -24.13
CA PRO B 602 25.23 6.95 -25.41
C PRO B 602 24.41 5.66 -25.42
N LYS B 603 23.38 5.62 -24.57
CA LYS B 603 22.51 4.46 -24.48
C LYS B 603 21.04 4.86 -24.60
N ALA C 1 -29.80 -13.16 -11.27
CA ALA C 1 -29.03 -12.00 -10.85
C ALA C 1 -27.59 -12.38 -10.54
N PRO C 2 -26.76 -12.48 -11.58
CA PRO C 2 -25.34 -12.81 -11.36
C PRO C 2 -24.60 -11.67 -10.69
N PHE C 3 -23.55 -12.03 -9.95
CA PHE C 3 -22.69 -11.03 -9.30
C PHE C 3 -21.24 -11.47 -9.37
N ASP C 4 -20.33 -10.63 -8.87
CA ASP C 4 -18.91 -10.94 -8.94
C ASP C 4 -18.26 -10.85 -7.57
N ASP C 5 -18.83 -10.04 -6.68
CA ASP C 5 -18.34 -9.89 -5.31
C ASP C 5 -16.89 -9.42 -5.27
N ASP C 6 -16.62 -8.23 -5.81
CA ASP C 6 -15.26 -7.70 -5.81
C ASP C 6 -15.31 -6.21 -5.51
N ASP C 7 -14.27 -5.69 -4.87
CA ASP C 7 -14.13 -4.27 -4.59
C ASP C 7 -12.67 -3.97 -4.32
N LYS C 8 -12.40 -2.77 -3.81
CA LYS C 8 -11.04 -2.34 -3.52
C LYS C 8 -11.03 -1.57 -2.19
N ILE C 9 -9.84 -1.45 -1.62
CA ILE C 9 -9.64 -0.72 -0.38
C ILE C 9 -8.90 0.58 -0.70
N VAL C 10 -9.05 1.58 0.16
CA VAL C 10 -8.45 2.90 -0.03
C VAL C 10 -6.94 2.76 -0.17
N GLY C 11 -6.35 3.57 -1.05
CA GLY C 11 -4.92 3.51 -1.28
C GLY C 11 -4.11 3.91 -0.06
N GLY C 12 -3.11 3.07 0.23
CA GLY C 12 -2.21 3.31 1.33
C GLY C 12 -0.78 2.95 0.99
N TYR C 13 -0.44 3.04 -0.30
CA TYR C 13 0.86 2.62 -0.79
C TYR C 13 2.00 3.43 -0.17
N ASN C 14 1.80 4.73 -0.04
CA ASN C 14 2.78 5.64 0.56
C ASN C 14 4.06 5.59 -0.29
N CYS C 15 5.20 5.91 0.30
CA CYS C 15 6.50 5.74 -0.37
C CYS C 15 7.12 4.40 0.01
N GLU C 16 6.40 3.33 -0.32
CA GLU C 16 6.73 1.96 0.05
C GLU C 16 6.77 1.76 1.56
N GLU C 17 6.26 2.72 2.34
CA GLU C 17 6.23 2.67 3.79
C GLU C 17 7.63 2.40 4.36
N ASN C 18 8.53 3.35 4.09
CA ASN C 18 9.89 3.29 4.61
C ASN C 18 9.94 3.95 5.98
N SER C 19 11.12 3.91 6.60
CA SER C 19 11.33 4.47 7.95
C SER C 19 10.37 3.85 8.96
N VAL C 20 10.17 2.54 8.85
CA VAL C 20 9.34 1.79 9.79
C VAL C 20 10.17 0.64 10.32
N PRO C 21 11.06 0.89 11.28
CA PRO C 21 11.96 -0.18 11.75
C PRO C 21 11.31 -1.21 12.65
N TYR C 22 10.09 -0.96 13.12
CA TYR C 22 9.40 -1.89 14.01
C TYR C 22 8.57 -2.92 13.26
N GLN C 23 8.61 -2.93 11.93
CA GLN C 23 7.84 -3.86 11.13
C GLN C 23 8.70 -5.06 10.76
N VAL C 24 8.19 -6.26 11.06
CA VAL C 24 8.84 -7.51 10.70
C VAL C 24 7.81 -8.42 10.04
N SER C 25 8.32 -9.42 9.32
CA SER C 25 7.47 -10.36 8.60
C SER C 25 7.88 -11.78 8.92
N LEU C 26 6.90 -12.69 8.91
CA LEU C 26 7.13 -14.10 9.15
C LEU C 26 7.04 -14.85 7.82
N ASN C 27 8.06 -15.65 7.53
CA ASN C 27 8.15 -16.35 6.26
C ASN C 27 8.28 -17.85 6.49
N SER C 28 7.52 -18.62 5.72
CA SER C 28 7.59 -20.08 5.69
C SER C 28 7.58 -20.55 4.23
N GLY C 29 8.39 -19.90 3.40
CA GLY C 29 8.33 -20.04 1.98
C GLY C 29 7.51 -18.97 1.29
N TYR C 30 6.65 -18.29 2.03
CA TYR C 30 5.87 -17.17 1.52
C TYR C 30 5.39 -16.34 2.70
N HIS C 31 4.97 -15.12 2.41
CA HIS C 31 4.50 -14.22 3.45
C HIS C 31 3.10 -14.64 3.90
N PHE C 32 2.94 -14.91 5.18
CA PHE C 32 1.65 -15.32 5.72
C PHE C 32 1.20 -14.47 6.90
N CYS C 33 2.12 -14.03 7.75
CA CYS C 33 1.77 -13.19 8.89
C CYS C 33 2.88 -12.16 9.12
N GLY C 34 2.50 -11.06 9.74
CA GLY C 34 3.42 -10.01 10.13
C GLY C 34 3.76 -10.05 11.60
N GLY C 35 4.14 -8.90 12.13
CA GLY C 35 4.48 -8.81 13.54
C GLY C 35 5.31 -7.57 13.82
N SER C 36 5.60 -7.38 15.10
CA SER C 36 6.36 -6.23 15.57
C SER C 36 7.54 -6.71 16.40
N LEU C 37 8.61 -5.91 16.40
CA LEU C 37 9.83 -6.21 17.12
C LEU C 37 9.86 -5.39 18.41
N ILE C 38 10.03 -6.07 19.55
CA ILE C 38 10.03 -5.40 20.84
C ILE C 38 11.42 -5.32 21.45
N ASN C 39 12.31 -6.26 21.17
CA ASN C 39 13.67 -6.21 21.68
C ASN C 39 14.58 -6.87 20.64
N GLU C 40 15.80 -7.19 21.04
CA GLU C 40 16.77 -7.77 20.11
C GLU C 40 16.51 -9.24 19.81
N GLN C 41 15.61 -9.90 20.55
CA GLN C 41 15.36 -11.32 20.36
C GLN C 41 13.89 -11.71 20.28
N TRP C 42 12.97 -10.89 20.80
CA TRP C 42 11.57 -11.25 20.86
C TRP C 42 10.74 -10.41 19.90
N VAL C 43 9.69 -11.04 19.35
CA VAL C 43 8.74 -10.38 18.48
C VAL C 43 7.34 -10.69 18.98
N VAL C 44 6.38 -9.90 18.53
CA VAL C 44 4.98 -10.06 18.89
C VAL C 44 4.19 -10.40 17.64
N SER C 45 3.43 -11.48 17.69
CA SER C 45 2.65 -11.93 16.54
C SER C 45 1.40 -12.65 17.02
N ALA C 46 0.42 -12.76 16.13
CA ALA C 46 -0.83 -13.41 16.48
C ALA C 46 -0.62 -14.89 16.77
N GLY C 47 -1.39 -15.42 17.72
CA GLY C 47 -1.24 -16.81 18.11
C GLY C 47 -1.60 -17.80 17.02
N HIS C 48 -2.59 -17.46 16.20
CA HIS C 48 -3.05 -18.38 15.15
C HIS C 48 -2.00 -18.59 14.07
N CYS C 49 -0.99 -17.74 14.00
CA CYS C 49 0.05 -17.83 12.98
C CYS C 49 1.13 -18.87 13.31
N TYR C 50 0.87 -19.77 14.26
CA TYR C 50 1.85 -20.76 14.64
C TYR C 50 2.09 -21.74 13.51
N LYS C 51 3.37 -21.97 13.18
CA LYS C 51 3.76 -22.93 12.16
C LYS C 51 5.02 -23.65 12.60
N SER C 52 5.24 -24.83 12.02
CA SER C 52 6.40 -25.64 12.40
C SER C 52 7.70 -24.92 12.08
N ARG C 53 7.79 -24.31 10.90
CA ARG C 53 8.99 -23.59 10.48
C ARG C 53 8.59 -22.18 10.07
N ILE C 54 9.17 -21.18 10.74
CA ILE C 54 8.91 -19.78 10.47
C ILE C 54 10.24 -19.04 10.38
N GLN C 55 10.40 -18.25 9.33
CA GLN C 55 11.58 -17.42 9.14
C GLN C 55 11.19 -15.96 9.34
N VAL C 56 11.94 -15.26 10.20
CA VAL C 56 11.65 -13.88 10.56
C VAL C 56 12.54 -12.97 9.73
N ARG C 57 11.94 -12.05 9.00
CA ARG C 57 12.65 -11.08 8.18
C ARG C 57 12.56 -9.72 8.85
N LEU C 58 13.71 -9.07 9.01
CA LEU C 58 13.81 -7.80 9.73
C LEU C 58 14.07 -6.68 8.73
N GLY C 59 13.29 -5.60 8.85
CA GLY C 59 13.47 -4.46 7.98
C GLY C 59 13.15 -4.71 6.52
N GLU C 60 12.33 -5.72 6.23
CA GLU C 60 12.01 -6.06 4.85
C GLU C 60 11.14 -4.99 4.21
N HIS C 61 11.45 -4.67 2.96
CA HIS C 61 10.66 -3.73 2.17
C HIS C 61 9.95 -4.36 0.98
N ASN C 62 10.51 -5.42 0.41
CA ASN C 62 9.90 -6.16 -0.69
C ASN C 62 9.92 -7.65 -0.34
N ILE C 63 8.77 -8.30 -0.49
CA ILE C 63 8.68 -9.72 -0.12
C ILE C 63 9.27 -10.63 -1.19
N GLU C 64 9.50 -10.12 -2.40
CA GLU C 64 10.03 -10.92 -3.49
C GLU C 64 11.38 -10.43 -4.02
N VAL C 65 11.77 -9.20 -3.72
CA VAL C 65 13.02 -8.63 -4.19
C VAL C 65 13.89 -8.31 -2.98
N LEU C 66 15.14 -8.76 -3.01
CA LEU C 66 16.09 -8.55 -1.93
C LEU C 66 16.95 -7.33 -2.28
N GLU C 67 16.89 -6.31 -1.45
CA GLU C 67 17.65 -5.08 -1.65
C GLU C 67 18.95 -5.05 -0.84
N GLY C 68 19.26 -6.11 -0.11
CA GLY C 68 20.47 -6.17 0.68
C GLY C 68 20.37 -5.55 2.06
N ASN C 69 19.23 -4.95 2.41
CA ASN C 69 19.01 -4.35 3.71
C ASN C 69 18.06 -5.16 4.57
N GLU C 70 17.89 -6.44 4.28
CA GLU C 70 16.98 -7.32 5.00
C GLU C 70 17.78 -8.30 5.84
N GLN C 71 17.38 -8.47 7.10
CA GLN C 71 18.03 -9.41 8.01
C GLN C 71 17.17 -10.66 8.15
N PHE C 72 17.77 -11.82 7.90
CA PHE C 72 17.08 -13.10 7.95
C PHE C 72 17.59 -13.88 9.16
N ILE C 73 16.74 -14.03 10.16
CA ILE C 73 17.06 -14.80 11.37
C ILE C 73 15.98 -15.87 11.53
N ASN C 74 16.41 -17.12 11.62
CA ASN C 74 15.46 -18.23 11.78
C ASN C 74 14.90 -18.26 13.20
N ALA C 75 13.64 -18.64 13.30
CA ALA C 75 13.00 -18.73 14.61
C ALA C 75 13.57 -19.88 15.41
N ALA C 76 13.76 -19.66 16.71
CA ALA C 76 14.29 -20.67 17.62
C ALA C 76 13.22 -21.26 18.54
N LYS C 77 12.35 -20.43 19.10
CA LYS C 77 11.33 -20.90 20.01
C LYS C 77 10.10 -20.02 19.89
N ILE C 78 8.93 -20.63 19.82
CA ILE C 78 7.66 -19.93 19.70
C ILE C 78 6.78 -20.31 20.89
N ILE C 79 6.27 -19.31 21.59
CA ILE C 79 5.42 -19.50 22.75
C ILE C 79 4.08 -18.83 22.49
N ARG C 80 3.00 -19.60 22.64
CA ARG C 80 1.65 -19.08 22.47
C ARG C 80 0.99 -18.88 23.82
N HIS C 81 -0.01 -18.01 23.85
CA HIS C 81 -0.69 -17.69 25.09
C HIS C 81 -1.44 -18.93 25.60
N PRO C 82 -1.28 -19.30 26.87
CA PRO C 82 -1.94 -20.51 27.37
C PRO C 82 -3.45 -20.44 27.37
N GLN C 83 -4.03 -19.24 27.35
CA GLN C 83 -5.49 -19.07 27.38
C GLN C 83 -6.05 -18.72 26.00
N TYR C 84 -5.35 -19.09 24.94
CA TYR C 84 -5.83 -18.83 23.59
C TYR C 84 -7.02 -19.74 23.27
N ASP C 85 -8.07 -19.15 22.72
CA ASP C 85 -9.27 -19.88 22.33
C ASP C 85 -9.38 -19.85 20.81
N ARG C 86 -9.23 -21.00 20.17
CA ARG C 86 -9.27 -21.06 18.72
C ARG C 86 -10.67 -20.76 18.17
N LYS C 87 -11.71 -21.19 18.87
CA LYS C 87 -13.07 -20.99 18.38
C LYS C 87 -13.44 -19.51 18.33
N THR C 88 -13.13 -18.77 19.39
CA THR C 88 -13.47 -17.36 19.49
C THR C 88 -12.34 -16.43 19.08
N LEU C 89 -11.15 -16.98 18.79
CA LEU C 89 -9.97 -16.19 18.43
C LEU C 89 -9.63 -15.17 19.51
N ASN C 90 -9.83 -15.55 20.77
CA ASN C 90 -9.49 -14.71 21.90
C ASN C 90 -8.07 -15.01 22.37
N ASN C 91 -7.44 -14.01 22.99
CA ASN C 91 -6.04 -14.11 23.40
C ASN C 91 -5.14 -14.44 22.23
N ASP C 92 -5.40 -13.82 21.08
CA ASP C 92 -4.68 -14.10 19.84
C ASP C 92 -3.37 -13.31 19.86
N ILE C 93 -2.39 -13.85 20.59
CA ILE C 93 -1.07 -13.23 20.67
C ILE C 93 -0.07 -14.32 21.01
N MET C 94 1.11 -14.24 20.41
CA MET C 94 2.19 -15.18 20.70
C MET C 94 3.52 -14.48 20.51
N LEU C 95 4.57 -15.06 21.11
CA LEU C 95 5.90 -14.50 21.07
C LEU C 95 6.84 -15.50 20.39
N ILE C 96 7.68 -15.00 19.48
CA ILE C 96 8.66 -15.81 18.77
C ILE C 96 10.04 -15.26 19.09
N LYS C 97 10.94 -16.15 19.49
CA LYS C 97 12.30 -15.78 19.88
C LYS C 97 13.25 -16.02 18.72
N LEU C 98 13.99 -14.98 18.34
CA LEU C 98 14.97 -15.10 17.27
C LEU C 98 16.16 -15.93 17.74
N SER C 99 16.70 -16.75 16.83
CA SER C 99 17.86 -17.57 17.17
C SER C 99 19.07 -16.71 17.48
N SER C 100 19.30 -15.66 16.70
CA SER C 100 20.42 -14.75 16.88
C SER C 100 19.91 -13.35 17.15
N ARG C 101 20.73 -12.56 17.86
CA ARG C 101 20.35 -11.20 18.18
C ARG C 101 20.26 -10.35 16.92
N ALA C 102 19.24 -9.51 16.86
CA ALA C 102 19.03 -8.64 15.71
C ALA C 102 20.04 -7.50 15.72
N VAL C 103 20.28 -6.94 14.54
CA VAL C 103 21.16 -5.80 14.36
C VAL C 103 20.30 -4.55 14.21
N ILE C 104 20.47 -3.61 15.13
CA ILE C 104 19.67 -2.38 15.15
C ILE C 104 20.31 -1.35 14.23
N ASN C 105 19.53 -0.85 13.28
CA ASN C 105 20.01 0.16 12.34
C ASN C 105 18.83 1.06 11.96
N ALA C 106 19.02 1.83 10.89
CA ALA C 106 17.97 2.76 10.44
C ALA C 106 16.74 2.03 9.93
N ARG C 107 16.85 0.76 9.57
CA ARG C 107 15.72 -0.01 9.05
C ARG C 107 15.21 -1.08 10.00
N VAL C 108 15.98 -1.43 11.03
CA VAL C 108 15.57 -2.41 12.03
C VAL C 108 15.76 -1.79 13.41
N SER C 109 14.68 -1.76 14.20
CA SER C 109 14.74 -1.24 15.55
C SER C 109 13.55 -1.80 16.33
N THR C 110 13.41 -1.36 17.57
CA THR C 110 12.38 -1.85 18.47
C THR C 110 11.43 -0.72 18.86
N ILE C 111 10.24 -1.10 19.29
CA ILE C 111 9.20 -0.16 19.72
C ILE C 111 8.88 -0.45 21.18
N SER C 112 8.82 0.60 21.99
CA SER C 112 8.58 0.44 23.42
C SER C 112 7.18 -0.11 23.69
N LEU C 113 7.08 -0.93 24.72
CA LEU C 113 5.79 -1.49 25.10
C LEU C 113 4.86 -0.41 25.64
N PRO C 114 3.55 -0.53 25.41
CA PRO C 114 2.61 0.46 25.94
C PRO C 114 2.56 0.46 27.46
N THR C 115 2.28 1.63 28.02
CA THR C 115 2.17 1.79 29.46
C THR C 115 0.77 2.15 29.93
N ALA C 116 -0.10 2.63 29.03
CA ALA C 116 -1.46 3.01 29.36
C ALA C 116 -2.43 2.37 28.37
N PRO C 117 -3.65 2.07 28.82
CA PRO C 117 -4.62 1.46 27.91
C PRO C 117 -5.02 2.46 26.82
N PRO C 118 -5.35 1.98 25.63
CA PRO C 118 -5.78 2.89 24.56
C PRO C 118 -7.12 3.55 24.89
N ALA C 119 -7.30 4.74 24.35
CA ALA C 119 -8.51 5.52 24.55
C ALA C 119 -9.31 5.59 23.25
N THR C 120 -10.63 5.73 23.39
CA THR C 120 -11.50 5.82 22.22
C THR C 120 -11.17 7.06 21.40
N GLY C 121 -11.07 6.88 20.09
CA GLY C 121 -10.74 7.96 19.19
C GLY C 121 -9.26 8.26 19.04
N THR C 122 -8.40 7.50 19.70
CA THR C 122 -6.97 7.73 19.59
C THR C 122 -6.47 7.30 18.21
N LYS C 123 -5.70 8.18 17.57
CA LYS C 123 -5.17 7.88 16.25
C LYS C 123 -4.16 6.74 16.32
N CYS C 124 -4.28 5.79 15.39
CA CYS C 124 -3.41 4.63 15.36
C CYS C 124 -2.94 4.38 13.93
N LEU C 125 -1.80 3.72 13.80
CA LEU C 125 -1.22 3.37 12.52
C LEU C 125 -1.03 1.86 12.44
N ILE C 126 -1.48 1.27 11.34
CA ILE C 126 -1.38 -0.16 11.12
C ILE C 126 -0.47 -0.40 9.92
N SER C 127 0.56 -1.21 10.10
CA SER C 127 1.55 -1.49 9.07
C SER C 127 1.44 -2.94 8.63
N GLY C 128 1.45 -3.16 7.32
CA GLY C 128 1.37 -4.51 6.79
C GLY C 128 1.28 -4.46 5.27
N TRP C 129 1.48 -5.64 4.67
CA TRP C 129 1.42 -5.79 3.22
C TRP C 129 -0.03 -6.02 2.82
N GLY C 130 -0.80 -4.93 2.81
CA GLY C 130 -2.20 -5.01 2.47
C GLY C 130 -2.42 -5.26 0.98
N ASN C 131 -3.64 -5.69 0.66
CA ASN C 131 -4.02 -6.00 -0.72
C ASN C 131 -4.74 -4.78 -1.30
N THR C 132 -3.98 -3.91 -1.95
CA THR C 132 -4.51 -2.72 -2.59
C THR C 132 -4.35 -2.87 -4.10
N ALA C 133 -5.47 -2.74 -4.82
CA ALA C 133 -5.45 -2.85 -6.27
C ALA C 133 -6.64 -2.10 -6.84
N SER C 134 -6.46 -1.59 -8.06
CA SER C 134 -7.55 -0.88 -8.73
C SER C 134 -8.65 -1.85 -9.14
N SER C 135 -8.29 -2.97 -9.76
CA SER C 135 -9.25 -3.98 -10.17
C SER C 135 -8.49 -5.30 -10.38
N GLY C 136 -9.25 -6.38 -10.39
CA GLY C 136 -8.64 -7.69 -10.60
C GLY C 136 -7.77 -8.10 -9.44
N ALA C 137 -6.75 -8.90 -9.73
CA ALA C 137 -5.80 -9.39 -8.71
C ALA C 137 -4.45 -8.74 -8.99
N ASP C 138 -4.12 -7.69 -8.26
CA ASP C 138 -2.88 -6.94 -8.40
C ASP C 138 -2.26 -6.70 -7.03
N TYR C 139 -2.15 -7.75 -6.24
CA TYR C 139 -1.62 -7.65 -4.88
C TYR C 139 -0.19 -7.12 -4.91
N PRO C 140 0.12 -6.03 -4.23
CA PRO C 140 1.48 -5.48 -4.27
C PRO C 140 2.42 -6.20 -3.31
N ASP C 141 3.71 -5.96 -3.51
CA ASP C 141 4.76 -6.53 -2.69
C ASP C 141 5.47 -5.48 -1.85
N GLU C 142 4.82 -4.35 -1.59
CA GLU C 142 5.42 -3.25 -0.84
C GLU C 142 4.62 -3.00 0.44
N LEU C 143 5.32 -2.54 1.48
CA LEU C 143 4.69 -2.27 2.76
C LEU C 143 3.72 -1.09 2.63
N GLN C 144 2.62 -1.15 3.39
CA GLN C 144 1.58 -0.15 3.32
C GLN C 144 1.15 0.24 4.74
N CYS C 145 0.32 1.28 4.82
CA CYS C 145 -0.17 1.77 6.10
C CYS C 145 -1.57 2.32 5.92
N LEU C 146 -2.28 2.43 7.04
CA LEU C 146 -3.64 2.96 7.03
C LEU C 146 -4.01 3.41 8.44
N ASP C 147 -4.45 4.65 8.57
CA ASP C 147 -4.86 5.17 9.88
C ASP C 147 -6.15 4.51 10.33
N ALA C 148 -6.28 4.33 11.64
CA ALA C 148 -7.45 3.65 12.20
C ALA C 148 -7.68 4.04 13.65
N PRO C 149 -8.53 5.04 13.91
CA PRO C 149 -8.82 5.41 15.30
C PRO C 149 -9.59 4.31 16.03
N VAL C 150 -9.38 4.25 17.34
CA VAL C 150 -10.04 3.25 18.18
C VAL C 150 -11.49 3.63 18.39
N LEU C 151 -12.38 2.66 18.25
CA LEU C 151 -13.81 2.88 18.43
C LEU C 151 -14.22 2.61 19.88
N SER C 152 -15.49 2.89 20.17
CA SER C 152 -16.00 2.69 21.53
C SER C 152 -16.22 1.20 21.80
N GLN C 153 -16.13 0.84 23.09
CA GLN C 153 -16.28 -0.56 23.49
C GLN C 153 -17.69 -1.07 23.22
N ALA C 154 -18.71 -0.25 23.48
CA ALA C 154 -20.08 -0.69 23.28
C ALA C 154 -20.36 -0.98 21.81
N LYS C 155 -19.90 -0.11 20.92
CA LYS C 155 -20.08 -0.34 19.48
C LYS C 155 -19.35 -1.59 19.02
N CYS C 156 -18.14 -1.80 19.54
CA CYS C 156 -17.38 -3.00 19.17
C CYS C 156 -18.09 -4.27 19.64
N GLU C 157 -18.62 -4.25 20.86
CA GLU C 157 -19.35 -5.42 21.36
C GLU C 157 -20.63 -5.65 20.56
N ALA C 158 -21.35 -4.59 20.20
CA ALA C 158 -22.59 -4.75 19.46
C ALA C 158 -22.33 -5.19 18.02
N SER C 159 -21.17 -4.84 17.47
CA SER C 159 -20.87 -5.19 16.08
C SER C 159 -20.83 -6.70 15.88
N TYR C 160 -20.17 -7.42 16.78
CA TYR C 160 -20.04 -8.87 16.71
C TYR C 160 -20.41 -9.48 18.06
N PRO C 161 -21.71 -9.59 18.35
CA PRO C 161 -22.12 -10.16 19.64
C PRO C 161 -21.62 -11.59 19.81
N GLY C 162 -21.21 -11.90 21.04
CA GLY C 162 -20.74 -13.22 21.37
C GLY C 162 -19.31 -13.52 20.97
N LYS C 163 -18.60 -12.57 20.36
CA LYS C 163 -17.23 -12.78 19.93
C LYS C 163 -16.29 -11.64 20.30
N ILE C 164 -16.75 -10.67 21.09
CA ILE C 164 -15.96 -9.50 21.46
C ILE C 164 -15.83 -9.48 22.97
N THR C 165 -14.60 -9.31 23.45
CA THR C 165 -14.30 -9.23 24.88
C THR C 165 -13.55 -7.93 25.16
N SER C 166 -13.08 -7.80 26.40
CA SER C 166 -12.34 -6.60 26.81
C SER C 166 -10.97 -6.51 26.16
N ASN C 167 -10.51 -7.58 25.52
CA ASN C 167 -9.20 -7.59 24.87
C ASN C 167 -9.26 -7.26 23.39
N MET C 168 -10.43 -6.85 22.90
CA MET C 168 -10.62 -6.58 21.47
C MET C 168 -11.20 -5.19 21.27
N PHE C 169 -10.85 -4.59 20.14
CA PHE C 169 -11.38 -3.28 19.77
C PHE C 169 -11.47 -3.21 18.24
N CYS C 170 -12.37 -2.35 17.77
CA CYS C 170 -12.59 -2.21 16.34
C CYS C 170 -11.40 -1.52 15.67
N VAL C 171 -11.33 -1.68 14.35
CA VAL C 171 -10.28 -1.03 13.58
C VAL C 171 -10.48 0.48 13.56
N GLY C 172 -11.62 0.92 13.04
CA GLY C 172 -11.89 2.35 12.96
C GLY C 172 -13.23 2.59 12.30
N PHE C 173 -13.52 3.88 12.09
CA PHE C 173 -14.74 4.29 11.43
C PHE C 173 -14.73 3.96 9.93
N LEU C 174 -13.60 3.53 9.39
CA LEU C 174 -13.52 3.23 7.97
C LEU C 174 -14.44 2.07 7.62
N GLU C 175 -15.30 2.29 6.63
CA GLU C 175 -16.19 1.23 6.17
C GLU C 175 -15.40 0.10 5.53
N GLY C 176 -14.39 0.44 4.73
CA GLY C 176 -13.54 -0.56 4.10
C GLY C 176 -14.08 -1.17 2.82
N GLY C 177 -15.27 -0.78 2.38
CA GLY C 177 -15.82 -1.33 1.16
C GLY C 177 -16.20 -2.79 1.29
N LYS C 178 -16.17 -3.50 0.17
CA LYS C 178 -16.53 -4.91 0.09
C LYS C 178 -15.43 -5.69 -0.63
N ASP C 179 -14.18 -5.42 -0.26
CA ASP C 179 -13.05 -6.08 -0.91
C ASP C 179 -13.07 -7.58 -0.67
N SER C 180 -13.29 -8.00 0.59
CA SER C 180 -13.38 -9.41 0.96
C SER C 180 -12.13 -10.19 0.56
N CYS C 181 -10.97 -9.53 0.57
CA CYS C 181 -9.69 -10.16 0.25
C CYS C 181 -8.69 -9.72 1.32
N GLN C 182 -8.62 -10.46 2.42
CA GLN C 182 -7.74 -10.11 3.51
C GLN C 182 -6.28 -10.31 3.11
N GLY C 183 -5.42 -9.40 3.55
CA GLY C 183 -4.01 -9.49 3.26
C GLY C 183 -3.14 -9.12 4.44
N ASP C 184 -3.78 -8.87 5.60
CA ASP C 184 -3.08 -8.50 6.82
C ASP C 184 -3.30 -9.56 7.88
N SER C 185 -2.22 -9.99 8.51
CA SER C 185 -2.30 -11.00 9.58
C SER C 185 -1.18 -10.70 10.57
N GLY C 186 -1.56 -10.36 11.80
CA GLY C 186 -0.59 -10.06 12.83
C GLY C 186 0.09 -8.71 12.69
N GLY C 187 -0.42 -7.83 11.84
CA GLY C 187 0.17 -6.52 11.63
C GLY C 187 0.20 -5.69 12.90
N PRO C 188 1.30 -4.97 13.11
CA PRO C 188 1.41 -4.12 14.30
C PRO C 188 0.37 -3.01 14.28
N VAL C 189 -0.14 -2.68 15.47
CA VAL C 189 -1.04 -1.55 15.66
C VAL C 189 -0.35 -0.60 16.63
N VAL C 190 0.02 0.58 16.14
CA VAL C 190 0.78 1.55 16.91
C VAL C 190 -0.07 2.80 17.09
N CYS C 191 -0.30 3.18 18.34
CA CYS C 191 -1.04 4.39 18.68
C CYS C 191 -0.15 5.28 19.56
N ASN C 192 0.05 6.53 19.12
CA ASN C 192 0.88 7.49 19.83
C ASN C 192 2.30 6.95 20.05
N GLY C 193 2.81 6.23 19.05
CA GLY C 193 4.16 5.71 19.13
C GLY C 193 4.32 4.45 19.97
N GLN C 194 3.24 3.86 20.43
CA GLN C 194 3.29 2.65 21.26
C GLN C 194 2.46 1.55 20.62
N LEU C 195 2.99 0.33 20.66
CA LEU C 195 2.31 -0.83 20.08
C LEU C 195 1.13 -1.24 20.95
N GLN C 196 -0.06 -0.75 20.62
CA GLN C 196 -1.23 -1.03 21.45
C GLN C 196 -1.86 -2.38 21.13
N GLY C 197 -1.52 -2.99 20.01
CA GLY C 197 -2.11 -4.27 19.68
C GLY C 197 -1.58 -4.81 18.36
N VAL C 198 -2.16 -5.94 17.96
CA VAL C 198 -1.82 -6.61 16.71
C VAL C 198 -3.11 -7.01 15.99
N VAL C 199 -2.97 -7.26 14.69
CA VAL C 199 -4.12 -7.67 13.88
C VAL C 199 -4.45 -9.12 14.20
N SER C 200 -5.73 -9.39 14.46
CA SER C 200 -6.18 -10.73 14.82
C SER C 200 -7.10 -11.33 13.76
N TRP C 201 -8.21 -10.67 13.45
CA TRP C 201 -9.18 -11.20 12.50
C TRP C 201 -10.20 -10.11 12.19
N GLY C 202 -11.21 -10.47 11.42
CA GLY C 202 -12.29 -9.54 11.09
C GLY C 202 -13.28 -10.22 10.16
N ASP C 203 -14.40 -9.54 9.96
CA ASP C 203 -15.44 -10.01 9.06
C ASP C 203 -15.02 -9.66 7.64
N GLY C 204 -14.22 -10.53 7.04
CA GLY C 204 -13.69 -10.23 5.72
C GLY C 204 -12.61 -9.16 5.80
N CYS C 205 -12.31 -8.59 4.64
CA CYS C 205 -11.31 -7.53 4.54
C CYS C 205 -11.99 -6.18 4.79
N ALA C 206 -12.43 -6.02 6.04
CA ALA C 206 -13.09 -4.79 6.51
C ALA C 206 -14.32 -4.47 5.65
N GLN C 207 -15.30 -5.37 5.74
CA GLN C 207 -16.54 -5.18 5.02
C GLN C 207 -17.26 -3.92 5.51
N LYS C 208 -18.13 -3.39 4.66
CA LYS C 208 -18.79 -2.12 4.93
C LYS C 208 -19.56 -2.17 6.24
N ASN C 209 -19.37 -1.14 7.06
CA ASN C 209 -20.00 -0.99 8.37
C ASN C 209 -19.64 -2.11 9.35
N LYS C 210 -18.67 -2.97 8.98
CA LYS C 210 -18.24 -4.08 9.83
C LYS C 210 -16.72 -4.09 9.88
N PRO C 211 -16.12 -3.27 10.74
CA PRO C 211 -14.66 -3.24 10.83
C PRO C 211 -14.10 -4.50 11.47
N GLY C 212 -12.80 -4.68 11.31
CA GLY C 212 -12.11 -5.85 11.82
C GLY C 212 -11.88 -5.76 13.31
N VAL C 213 -11.21 -6.79 13.84
CA VAL C 213 -10.97 -6.93 15.26
C VAL C 213 -9.47 -7.03 15.50
N TYR C 214 -8.96 -6.23 16.43
CA TYR C 214 -7.55 -6.24 16.81
C TYR C 214 -7.41 -6.70 18.26
N THR C 215 -6.32 -7.40 18.55
CA THR C 215 -6.07 -7.93 19.88
C THR C 215 -5.30 -6.89 20.70
N LYS C 216 -5.93 -6.38 21.74
CA LYS C 216 -5.30 -5.41 22.62
C LYS C 216 -4.21 -6.12 23.44
N VAL C 217 -3.03 -5.50 23.51
CA VAL C 217 -1.89 -6.11 24.21
C VAL C 217 -1.57 -5.42 25.51
N TYR C 218 -2.33 -4.40 25.91
CA TYR C 218 -2.08 -3.73 27.17
C TYR C 218 -2.26 -4.70 28.35
N ASN C 219 -3.32 -5.51 28.31
CA ASN C 219 -3.52 -6.52 29.34
C ASN C 219 -2.51 -7.64 29.25
N TYR C 220 -1.87 -7.81 28.10
CA TYR C 220 -0.86 -8.84 27.88
C TYR C 220 0.56 -8.34 28.07
N VAL C 221 0.74 -7.07 28.46
CA VAL C 221 2.08 -6.56 28.71
C VAL C 221 2.75 -7.33 29.84
N LYS C 222 2.00 -7.59 30.92
CA LYS C 222 2.55 -8.36 32.03
C LYS C 222 2.92 -9.78 31.61
N TRP C 223 2.07 -10.41 30.79
CA TRP C 223 2.36 -11.75 30.31
C TRP C 223 3.62 -11.76 29.44
N ILE C 224 3.76 -10.75 28.57
CA ILE C 224 4.94 -10.66 27.72
C ILE C 224 6.19 -10.46 28.57
N LYS C 225 6.12 -9.60 29.58
CA LYS C 225 7.28 -9.38 30.46
C LYS C 225 7.64 -10.66 31.21
N ASN C 226 6.64 -11.38 31.72
CA ASN C 226 6.90 -12.64 32.42
C ASN C 226 7.53 -13.67 31.48
N THR C 227 7.03 -13.75 30.24
CA THR C 227 7.61 -14.67 29.28
C THR C 227 9.05 -14.32 28.96
N ILE C 228 9.34 -13.03 28.79
CA ILE C 228 10.72 -12.60 28.51
C ILE C 228 11.62 -12.93 29.69
N ALA C 229 11.15 -12.68 30.91
CA ALA C 229 11.95 -12.99 32.09
C ALA C 229 12.20 -14.49 32.21
N ALA C 230 11.19 -15.31 31.92
CA ALA C 230 11.35 -16.75 32.07
C ALA C 230 12.20 -17.35 30.95
N ASN C 231 12.23 -16.72 29.78
CA ASN C 231 12.97 -17.23 28.63
C ASN C 231 13.93 -16.17 28.12
N SER C 232 14.69 -15.57 29.03
CA SER C 232 15.67 -14.56 28.67
C SER C 232 16.90 -15.19 28.01
C1 NAG D . 21.48 33.49 4.49
C2 NAG D . 22.54 33.23 5.57
C3 NAG D . 22.41 34.25 6.70
C4 NAG D . 22.43 35.66 6.14
C5 NAG D . 21.38 35.83 5.05
C6 NAG D . 21.44 37.17 4.37
C7 NAG D . 23.24 30.89 5.69
C8 NAG D . 22.99 29.55 6.33
N2 NAG D . 22.43 31.87 6.08
O3 NAG D . 23.47 34.06 7.62
O4 NAG D . 22.18 36.61 7.18
O5 NAG D . 21.59 34.83 4.02
O6 NAG D . 22.75 37.46 3.89
O7 NAG D . 24.13 31.05 4.85
C1 NAG D . 23.39 37.36 7.44
C2 NAG D . 23.06 38.47 8.43
C3 NAG D . 24.32 39.26 8.77
C4 NAG D . 25.42 38.33 9.24
C5 NAG D . 25.66 37.23 8.22
C6 NAG D . 26.66 36.19 8.67
C7 NAG D . 22.11 40.09 6.81
C8 NAG D . 20.91 40.92 6.47
N2 NAG D . 22.01 39.35 7.93
O3 NAG D . 24.01 40.22 9.79
O4 NAG D . 26.63 39.07 9.42
O5 NAG D . 24.43 36.53 7.97
O6 NAG D . 26.13 35.36 9.69
O7 NAG D . 23.11 40.08 6.10
C1 BMA D . 26.98 39.09 10.82
C2 BMA D . 28.06 40.19 11.02
C3 BMA D . 28.36 40.37 12.51
C4 BMA D . 27.07 40.52 13.33
C5 BMA D . 26.13 39.34 13.05
C6 BMA D . 24.82 39.44 13.80
O2 BMA D . 27.60 41.44 10.53
O3 BMA D . 29.21 41.49 12.74
O4 BMA D . 27.37 40.56 14.72
O5 BMA D . 25.85 39.34 11.64
O6 BMA D . 24.13 38.20 13.64
C1 NAG E . 18.68 13.30 -29.41
C2 NAG E . 19.94 13.41 -30.26
C3 NAG E . 20.04 12.24 -31.24
C4 NAG E . 19.93 10.92 -30.50
C5 NAG E . 18.66 10.91 -29.66
C6 NAG E . 18.53 9.66 -28.81
C7 NAG E . 20.53 15.79 -30.49
C8 NAG E . 20.47 17.00 -31.37
N2 NAG E . 19.97 14.69 -30.99
O3 NAG E . 21.29 12.31 -31.93
O4 NAG E . 19.91 9.84 -31.42
O5 NAG E . 18.65 12.02 -28.76
O6 NAG E . 17.36 9.72 -27.99
O7 NAG E . 21.07 15.81 -29.38
C1 NAG E . 21.15 9.12 -31.33
C2 NAG E . 20.86 7.63 -31.49
C3 NAG E . 22.17 6.83 -31.44
C4 NAG E . 23.16 7.37 -32.46
C5 NAG E . 23.34 8.88 -32.28
C6 NAG E . 24.22 9.51 -33.34
C7 NAG E . 18.98 6.26 -30.71
C8 NAG E . 18.11 5.90 -29.53
N2 NAG E . 19.95 7.15 -30.46
O3 NAG E . 21.90 5.46 -31.70
O4 NAG E . 24.42 6.73 -32.30
O5 NAG E . 22.07 9.54 -32.34
O6 NAG E . 25.10 10.47 -32.79
O7 NAG E . 18.80 5.79 -31.82
C1 BMA E . 24.64 5.81 -33.38
C2 BMA E . 25.89 6.28 -34.17
C3 BMA E . 26.31 5.22 -35.19
C4 BMA E . 26.40 3.83 -34.56
C5 BMA E . 25.05 3.50 -33.89
C6 BMA E . 25.06 2.13 -33.22
O2 BMA E . 27.00 6.47 -33.29
O3 BMA E . 27.55 5.55 -35.80
O4 BMA E . 26.68 2.86 -35.56
O5 BMA E . 24.80 4.49 -32.89
O6 BMA E . 25.67 1.20 -34.11
C1 NAG F . -11.56 19.36 -26.85
C2 NAG F . -11.63 18.72 -28.23
C3 NAG F . -12.41 19.62 -29.20
C4 NAG F . -13.78 19.95 -28.63
C5 NAG F . -13.62 20.55 -27.22
C6 NAG F . -14.93 20.83 -26.54
C7 NAG F . -9.87 17.23 -29.07
C8 NAG F . -8.46 17.14 -29.59
N2 NAG F . -10.30 18.46 -28.74
O3 NAG F . -12.53 18.95 -30.45
O4 NAG F . -14.47 20.89 -29.44
O5 NAG F . -12.89 19.64 -26.38
O6 NAG F . -15.61 21.93 -27.12
O7 NAG F . -10.58 16.24 -28.96
C1 NAG F . -15.30 20.23 -30.42
C2 NAG F . -16.78 20.40 -30.08
C3 NAG F . -17.65 19.79 -31.17
C4 NAG F . -17.27 20.33 -32.54
C5 NAG F . -15.77 20.15 -32.78
C6 NAG F . -15.30 20.77 -34.07
C7 NAG F . -18.12 20.20 -28.04
C8 NAG F . -18.29 19.48 -26.73
N2 NAG F . -17.09 19.81 -28.79
O3 NAG F . -19.02 20.05 -30.90
O4 NAG F . -18.00 19.65 -33.56
O5 NAG F . -15.03 20.78 -31.73
O6 NAG F . -16.16 21.82 -34.50
O7 NAG F . -18.87 21.11 -28.38
C1 NAG G . 24.98 31.71 -25.54
C2 NAG G . 25.48 31.81 -24.08
C3 NAG G . 26.97 32.12 -23.98
C4 NAG G . 27.75 31.06 -24.73
C5 NAG G . 27.26 30.97 -26.18
C6 NAG G . 27.94 29.84 -26.93
C7 NAG G . 24.90 32.95 -22.01
C8 NAG G . 23.60 32.82 -21.28
N2 NAG G . 24.82 32.86 -23.34
O3 NAG G . 27.40 32.12 -22.61
O4 NAG G . 29.19 31.07 -24.45
O5 NAG G . 25.84 30.72 -26.16
O6 NAG G . 29.24 30.25 -27.40
O7 NAG G . 25.95 33.14 -21.43
C1 NAG G . 30.04 32.13 -24.93
C2 NAG G . 30.65 32.88 -23.72
C3 NAG G . 31.74 33.85 -24.15
C4 NAG G . 32.82 33.09 -24.88
C5 NAG G . 32.17 32.35 -26.04
C6 NAG G . 33.13 31.48 -26.79
C7 NAG G . 29.09 34.73 -23.46
C8 NAG G . 28.00 35.32 -22.62
N2 NAG G . 29.66 33.63 -22.97
O3 NAG G . 32.28 34.51 -23.01
O4 NAG G . 33.81 34.03 -25.35
O5 NAG G . 31.14 31.49 -25.60
O6 NAG G . 33.55 32.29 -27.89
O7 NAG G . 29.44 35.22 -24.52
C1 NAG H . -36.69 24.99 -4.46
C2 NAG H . -37.01 23.57 -4.92
C3 NAG H . -38.27 23.56 -5.78
C4 NAG H . -39.42 24.24 -5.06
C5 NAG H . -38.99 25.63 -4.58
C6 NAG H . -40.04 26.32 -3.75
C7 NAG H . -35.64 21.68 -5.70
C8 NAG H . -34.44 21.27 -6.49
N2 NAG H . -35.89 22.99 -5.65
O3 NAG H . -38.60 22.20 -6.09
O4 NAG H . -40.53 24.41 -5.93
O5 NAG H . -37.81 25.53 -3.76
O6 NAG H . -40.83 27.22 -4.53
O7 NAG H . -36.36 20.87 -5.13
C1 NAG H . -41.47 23.32 -5.84
C2 NAG H . -42.87 23.87 -5.54
C3 NAG H . -43.90 22.75 -5.57
C4 NAG H . -43.82 21.96 -6.86
C5 NAG H . -42.38 21.46 -7.06
C6 NAG H . -42.17 20.74 -8.38
C7 NAG H . -42.67 24.03 -3.08
C8 NAG H . -42.78 24.95 -1.90
N2 NAG H . -42.91 24.59 -4.28
O3 NAG H . -45.21 23.30 -5.43
O4 NAG H . -44.71 20.85 -6.83
O5 NAG H . -41.48 22.57 -7.06
O6 NAG H . -42.27 21.63 -9.48
O7 NAG H . -42.38 22.84 -2.95
C1 BMA H . -45.69 20.97 -7.89
C2 BMA H . -47.09 21.25 -7.25
C3 BMA H . -48.12 21.53 -8.35
C4 BMA H . -47.60 22.56 -9.37
C5 BMA H . -46.24 22.11 -9.92
C6 BMA H . -45.64 23.10 -10.91
O2 BMA H . -47.05 22.41 -6.43
O3 BMA H . -49.36 21.95 -7.81
O4 BMA H . -48.53 22.70 -10.44
O5 BMA H . -45.34 22.00 -8.82
O6 BMA H . -46.58 23.31 -11.96
C1 MAN H . -45.88 23.72 -13.15
C2 MAN H . -45.38 25.18 -12.93
C3 MAN H . -46.56 26.15 -12.98
C4 MAN H . -47.40 25.92 -14.24
C5 MAN H . -47.87 24.47 -14.29
C6 MAN H . -48.69 24.14 -15.52
O2 MAN H . -44.49 25.58 -13.97
O3 MAN H . -46.12 27.51 -12.92
O4 MAN H . -48.53 26.78 -14.23
O5 MAN H . -46.71 23.61 -14.28
O6 MAN H . -49.77 25.06 -15.59
C1 NAG I . -21.25 -32.99 20.96
C2 NAG I . -22.57 -33.28 21.66
C3 NAG I . -22.51 -34.61 22.41
C4 NAG I . -22.06 -35.73 21.47
C5 NAG I . -20.75 -35.33 20.80
C6 NAG I . -20.28 -36.35 19.79
C7 NAG I . -22.24 -31.80 23.62
C8 NAG I . -22.82 -30.67 24.41
N2 NAG I . -22.96 -32.20 22.56
O3 NAG I . -23.79 -34.89 22.96
O4 NAG I . -21.87 -36.94 22.18
O5 NAG I . -20.91 -34.09 20.10
O6 NAG I . -19.99 -37.60 20.39
O7 NAG I . -21.18 -32.33 23.93
C1 NAG I . -23.06 -37.75 22.22
C2 NAG I . -22.98 -38.91 21.22
C3 NAG I . -24.22 -39.80 21.36
C4 NAG I . -24.40 -40.26 22.80
C5 NAG I . -24.43 -39.05 23.72
C6 NAG I . -24.50 -39.44 25.18
C7 NAG I . -22.31 -39.14 18.87
C8 NAG I . -22.27 -38.48 17.53
N2 NAG I . -22.85 -38.42 19.86
O3 NAG I . -24.09 -40.94 20.50
O4 NAG I . -25.62 -40.98 22.92
O5 NAG I . -23.24 -38.27 23.56
O6 NAG I . -25.13 -40.70 25.36
O7 NAG I . -21.89 -40.28 19.05
C1 BMA I . -24.52 -41.43 26.45
C2 BMA I . -23.78 -42.65 25.86
C3 BMA I . -23.01 -43.39 26.96
C4 BMA I . -22.16 -42.42 27.79
C5 BMA I . -23.03 -41.27 28.32
C6 BMA I . -22.24 -40.25 29.12
O2 BMA I . -22.83 -42.25 24.89
O3 BMA I . -22.19 -44.42 26.43
O4 BMA I . -21.56 -43.10 28.88
O5 BMA I . -23.62 -40.60 27.19
O6 BMA I . -23.17 -39.36 29.75
C1 NAG J . -9.49 -33.60 -14.82
C2 NAG J . -10.03 -32.58 -15.83
C3 NAG J . -9.21 -32.58 -17.12
C4 NAG J . -7.73 -32.44 -16.81
C5 NAG J . -7.29 -33.46 -15.76
C6 NAG J . -5.86 -33.28 -15.31
C7 NAG J . -12.13 -33.75 -16.64
C8 NAG J . -11.34 -34.97 -17.06
N2 NAG J . -11.47 -32.72 -16.09
O3 NAG J . -9.65 -31.52 -17.95
O4 NAG J . -6.96 -32.67 -17.99
O5 NAG J . -8.11 -33.34 -14.58
O6 NAG J . -5.71 -32.14 -14.48
O7 NAG J . -13.35 -33.72 -16.79
C1 NAG J . -6.53 -31.42 -18.55
C2 NAG J . -5.49 -31.71 -19.64
C3 NAG J . -5.05 -30.43 -20.33
C4 NAG J . -6.26 -29.66 -20.84
C5 NAG J . -7.25 -29.43 -19.70
C6 NAG J . -8.54 -28.76 -20.16
C7 NAG J . -4.04 -33.68 -19.40
C8 NAG J . -4.95 -34.36 -20.39
N2 NAG J . -4.34 -32.42 -19.10
O3 NAG J . -4.18 -30.74 -21.41
O4 NAG J . -5.86 -28.41 -21.38
O5 NAG J . -7.62 -30.68 -19.12
O6 NAG J . -9.65 -29.63 -19.98
O7 NAG J . -3.06 -34.25 -18.93
C1 BMA J . -6.17 -28.41 -22.79
C2 BMA J . -6.78 -27.03 -23.14
C3 BMA J . -7.07 -26.97 -24.65
C4 BMA J . -5.82 -27.36 -25.47
C5 BMA J . -5.30 -28.74 -25.00
C6 BMA J . -4.03 -29.17 -25.72
O2 BMA J . -5.85 -25.99 -22.87
O3 BMA J . -7.54 -25.69 -25.04
O4 BMA J . -6.15 -27.42 -26.84
O5 BMA J . -5.01 -28.67 -23.60
O6 BMA J . -2.94 -28.45 -25.16
C1 MAN J . -8.96 -25.76 -25.32
C2 MAN J . -9.59 -24.41 -24.84
C3 MAN J . -11.04 -24.64 -24.38
C4 MAN J . -11.70 -25.74 -25.21
C5 MAN J . -11.00 -27.08 -24.90
C6 MAN J . -11.17 -28.12 -26.01
O2 MAN J . -9.67 -23.46 -25.91
O3 MAN J . -11.80 -23.44 -24.45
O4 MAN J . -13.07 -25.84 -24.87
O5 MAN J . -9.57 -26.88 -24.68
O6 MAN J . -10.77 -29.39 -25.49
C1 NAG K . -22.55 -45.99 -17.81
C2 NAG K . -23.27 -47.00 -16.92
C3 NAG K . -24.66 -47.28 -17.49
C4 NAG K . -25.39 -45.99 -17.87
C5 NAG K . -24.49 -44.89 -18.48
C6 NAG K . -25.12 -43.53 -18.45
C7 NAG K . -22.35 -48.91 -15.67
C8 NAG K . -23.02 -48.33 -14.46
N2 NAG K . -22.50 -48.23 -16.82
O3 NAG K . -25.42 -48.01 -16.54
O4 NAG K . -26.46 -46.28 -18.77
O5 NAG K . -23.24 -44.79 -17.78
O6 NAG K . -25.16 -42.95 -19.76
O7 NAG K . -21.71 -49.95 -15.62
C1 NAG K . -26.18 -46.78 -20.12
C2 NAG K . -26.59 -45.67 -21.13
C3 NAG K . -26.29 -46.09 -22.56
C4 NAG K . -24.84 -46.55 -22.70
C5 NAG K . -24.57 -47.67 -21.70
C6 NAG K . -23.14 -48.16 -21.75
C7 NAG K . -29.02 -46.15 -21.16
C8 NAG K . -30.39 -45.58 -20.95
N2 NAG K . -28.00 -45.31 -20.97
O3 NAG K . -26.54 -44.99 -23.43
O4 NAG K . -24.50 -46.98 -24.02
O5 NAG K . -24.80 -47.19 -20.38
O6 NAG K . -22.36 -47.58 -20.72
O7 NAG K . -28.86 -47.33 -21.48
C1 BMA K . -25.57 -47.54 -24.82
C2 BMA K . -25.00 -47.66 -26.25
C3 BMA K . -25.98 -48.39 -27.17
C4 BMA K . -26.49 -49.68 -26.53
C5 BMA K . -27.08 -49.36 -25.15
C6 BMA K . -27.64 -50.59 -24.46
O2 BMA K . -23.79 -48.40 -26.25
O3 BMA K . -25.38 -48.68 -28.44
O4 BMA K . -27.49 -50.27 -27.35
O5 BMA K . -26.03 -48.81 -24.34
O6 BMA K . -28.32 -51.35 -25.45
C1 MAN K . -29.31 -52.19 -24.83
C2 MAN K . -28.65 -53.57 -24.60
C3 MAN K . -28.41 -54.26 -25.95
C4 MAN K . -29.71 -54.29 -26.79
C5 MAN K . -30.23 -52.85 -26.96
C6 MAN K . -31.55 -52.79 -27.71
O2 MAN K . -29.52 -54.45 -23.86
O3 MAN K . -27.92 -55.59 -25.78
O4 MAN K . -29.44 -54.84 -28.06
O5 MAN K . -30.46 -52.29 -25.64
O6 MAN K . -32.55 -53.42 -26.92
C1 NAG L . -33.95 -44.90 -2.22
C2 NAG L . -32.66 -45.35 -1.56
C3 NAG L . -32.78 -46.82 -1.16
C4 NAG L . -33.97 -47.01 -0.23
C5 NAG L . -35.26 -46.43 -0.85
C6 NAG L . -36.39 -46.31 0.15
C7 NAG L . -31.29 -45.67 -3.59
C8 NAG L . -30.01 -45.30 -4.27
N2 NAG L . -31.49 -45.13 -2.39
O3 NAG L . -31.59 -47.22 -0.50
O4 NAG L . -34.05 -48.40 0.12
O5 NAG L . -35.05 -45.09 -1.34
O6 NAG L . -36.00 -45.58 1.30
O7 NAG L . -32.10 -46.43 -4.11
C1 NAG L . -35.11 -49.26 -0.31
C2 NAG L . -34.67 -50.22 -1.43
C3 NAG L . -35.75 -51.27 -1.71
C4 NAG L . -36.17 -51.97 -0.42
C5 NAG L . -36.60 -50.94 0.61
C6 NAG L . -36.95 -51.54 1.95
C7 NAG L . -35.22 -48.79 -3.37
C8 NAG L . -34.67 -48.13 -4.60
N2 NAG L . -34.34 -49.49 -2.65
O3 NAG L . -35.25 -52.23 -2.64
O4 NAG L . -37.23 -52.89 -0.67
O5 NAG L . -35.53 -50.02 0.83
O6 NAG L . -36.08 -52.61 2.28
O7 NAG L . -36.39 -48.68 -3.05
C1 BMA L . -38.36 -52.24 -1.29
C2 BMA L . -38.80 -53.10 -2.51
C3 BMA L . -40.11 -52.57 -3.09
C4 BMA L . -41.17 -52.35 -2.00
C5 BMA L . -40.59 -51.44 -0.90
C6 BMA L . -41.56 -51.20 0.24
O2 BMA L . -39.04 -54.45 -2.12
O3 BMA L . -40.63 -53.45 -4.10
O4 BMA L . -42.32 -51.74 -2.55
O5 BMA L . -39.43 -52.10 -0.36
O6 BMA L . -41.71 -52.41 0.97
C1 NAG M . -25.22 29.63 8.33
C2 NAG M . -25.54 31.11 8.51
C3 NAG M . -25.76 31.40 10.00
C4 NAG M . -26.83 30.48 10.57
C5 NAG M . -26.51 29.02 10.26
C6 NAG M . -27.62 28.08 10.65
C7 NAG M . -24.72 32.99 7.17
C8 NAG M . -26.16 33.26 6.84
N2 NAG M . -24.49 31.95 7.97
O3 NAG M . -26.15 32.77 10.14
O4 NAG M . -26.87 30.62 11.99
O5 NAG M . -26.30 28.84 8.85
O6 NAG M . -27.79 27.03 9.70
O7 NAG M . -23.82 33.68 6.73
C1 NAG M . -27.93 31.50 12.41
C2 NAG M . -28.10 31.38 13.92
C3 NAG M . -29.17 32.35 14.42
C4 NAG M . -28.86 33.77 13.96
C5 NAG M . -28.69 33.80 12.44
C6 NAG M . -28.28 35.14 11.90
C7 NAG M . -27.51 29.13 14.69
C8 NAG M . -28.03 27.76 15.05
N2 NAG M . -28.43 30.01 14.30
O3 NAG M . -29.22 32.31 15.84
O4 NAG M . -29.90 34.65 14.33
O5 NAG M . -27.66 32.86 12.06
O6 NAG M . -28.16 35.13 10.48
O7 NAG M . -26.32 29.41 14.75
C1 BMA M . -29.38 35.62 15.27
C2 BMA M . -30.55 36.50 15.77
C3 BMA M . -30.06 37.44 16.87
C4 BMA M . -29.27 36.69 17.95
C5 BMA M . -28.14 35.88 17.30
C6 BMA M . -27.34 35.07 18.31
O2 BMA M . -31.57 35.70 16.34
O3 BMA M . -31.14 38.16 17.47
O4 BMA M . -28.72 37.61 18.88
O5 BMA M . -28.73 34.97 16.36
O6 BMA M . -26.20 34.54 17.65
C1 NAG N . 26.18 45.93 -19.99
C2 NAG N . 26.43 44.43 -20.05
C3 NAG N . 25.57 43.78 -21.13
C4 NAG N . 25.07 44.79 -22.16
C5 NAG N . 24.36 45.98 -21.50
C6 NAG N . 22.86 45.83 -21.46
C7 NAG N . 28.54 43.26 -19.57
C8 NAG N . 29.98 43.10 -19.95
N2 NAG N . 27.84 44.15 -20.29
O3 NAG N . 24.46 43.14 -20.51
O4 NAG N . 26.15 45.27 -22.95
O5 NAG N . 24.80 46.18 -20.16
O6 NAG N . 22.42 44.76 -22.28
O7 NAG N . 28.03 42.62 -18.66
C1 NAG N . 26.37 44.48 -24.14
C2 NAG N . 27.86 44.13 -24.18
C3 NAG N . 28.17 43.26 -25.38
C4 NAG N . 27.28 42.03 -25.39
C5 NAG N . 25.81 42.45 -25.33
C6 NAG N . 24.86 41.28 -25.25
C7 NAG N . 29.16 45.91 -23.10
C8 NAG N . 29.97 47.16 -23.31
N2 NAG N . 28.67 45.34 -24.21
O3 NAG N . 29.54 42.87 -25.35
O4 NAG N . 27.51 41.25 -26.56
O5 NAG N . 25.59 43.26 -24.18
O6 NAG N . 24.13 41.11 -26.45
O7 NAG N . 28.96 45.45 -21.98
C1 BMA N . 28.17 40.02 -26.19
C2 BMA N . 29.53 39.95 -26.94
C3 BMA N . 30.36 38.76 -26.45
C4 BMA N . 30.41 38.70 -24.92
C5 BMA N . 28.99 38.72 -24.34
C6 BMA N . 28.95 38.69 -22.83
O2 BMA N . 30.30 41.11 -26.69
O3 BMA N . 31.68 38.78 -26.98
O4 BMA N . 31.07 37.52 -24.50
O5 BMA N . 28.35 39.92 -24.78
O6 BMA N . 27.60 38.61 -22.41
C1 NAG O . -4.26 -59.16 -0.62
C2 NAG O . -3.31 -60.29 -1.02
C3 NAG O . -3.25 -60.41 -2.54
C4 NAG O . -4.66 -60.53 -3.13
C5 NAG O . -5.55 -59.40 -2.62
C6 NAG O . -6.99 -59.54 -3.06
C7 NAG O . -1.48 -60.80 0.55
C8 NAG O . -2.39 -61.86 1.11
N2 NAG O . -1.98 -60.08 -0.47
O3 NAG O . -2.47 -61.54 -2.90
O4 NAG O . -4.58 -60.46 -4.55
O5 NAG O . -5.55 -59.39 -1.18
O6 NAG O . -7.52 -58.30 -3.51
O7 NAG O . -0.35 -60.60 0.99
C1 NAG O . -5.08 -61.68 -5.13
C2 NAG O . -5.34 -61.41 -6.62
C3 NAG O . -5.82 -62.68 -7.32
C4 NAG O . -4.86 -63.84 -7.05
C5 NAG O . -4.63 -64.00 -5.54
C6 NAG O . -3.60 -65.05 -5.22
C7 NAG O . -7.54 -60.32 -6.41
C8 NAG O . -8.33 -59.08 -6.73
N2 NAG O . -6.27 -60.32 -6.83
O3 NAG O . -5.93 -62.45 -8.71
O4 NAG O . -5.40 -65.05 -7.58
O5 NAG O . -4.17 -62.76 -4.99
O6 NAG O . -3.98 -65.78 -4.06
O7 NAG O . -8.04 -61.26 -5.79
C1 BMA O . -4.64 -65.45 -8.73
C2 BMA O . -5.06 -66.90 -9.09
C3 BMA O . -4.42 -67.31 -10.42
C4 BMA O . -4.62 -66.25 -11.51
C5 BMA O . -4.11 -64.89 -11.00
C6 BMA O . -4.30 -63.78 -12.01
O2 BMA O . -6.46 -66.98 -9.28
O3 BMA O . -4.91 -68.57 -10.87
O4 BMA O . -3.90 -66.62 -12.68
O5 BMA O . -4.86 -64.56 -9.82
O6 BMA O . -3.55 -62.65 -11.58
C1 NAG P . 25.74 11.29 1.83
C2 NAG P . 26.53 12.29 0.98
C3 NAG P . 27.97 12.34 1.44
C4 NAG P . 28.05 12.61 2.94
C5 NAG P . 27.19 11.60 3.71
C6 NAG P . 27.11 11.90 5.18
C7 NAG P . 25.65 12.59 -1.29
C8 NAG P . 25.70 12.11 -2.72
N2 NAG P . 26.45 11.95 -0.44
O3 NAG P . 28.67 13.36 0.73
O4 NAG P . 29.40 12.52 3.38
O5 NAG P . 25.85 11.64 3.21
O6 NAG P . 28.31 11.51 5.86
O7 NAG P . 24.92 13.52 -0.94
C1 NAG Q . 24.03 62.70 -9.36
C2 NAG Q . 24.80 62.99 -8.07
C3 NAG Q . 23.84 62.99 -6.89
C4 NAG Q . 22.68 63.95 -7.14
C5 NAG Q . 22.00 63.61 -8.45
C6 NAG Q . 20.91 64.59 -8.82
C7 NAG Q . 27.15 62.39 -7.66
C8 NAG Q . 27.43 63.86 -7.67
N2 NAG Q . 25.87 62.04 -7.86
O3 NAG Q . 24.55 63.38 -5.70
O4 NAG Q . 21.73 63.84 -6.08
O5 NAG Q . 22.96 63.65 -9.52
O6 NAG Q . 20.47 65.33 -7.70
O7 NAG Q . 28.03 61.56 -7.50
C1 NAG R . 9.18 56.98 -25.46
C2 NAG R . 10.00 57.70 -24.38
C3 NAG R . 9.68 59.19 -24.22
C4 NAG R . 9.95 59.86 -25.56
C5 NAG R . 9.14 59.16 -26.63
C6 NAG R . 9.43 59.91 -27.95
C7 NAG R . 10.18 57.47 -21.88
C8 NAG R . 10.57 56.42 -20.87
N2 NAG R . 10.00 56.99 -23.12
O3 NAG R . 10.53 59.77 -23.24
O4 NAG R . 9.64 61.29 -25.72
O5 NAG R . 9.46 57.75 -26.65
O6 NAG R . 9.71 61.29 -27.71
O7 NAG R . 10.03 58.65 -21.60
C1 NAG S . -0.20 -42.36 23.55
C2 NAG S . -1.27 -43.37 23.12
C3 NAG S . -2.58 -42.91 23.59
C4 NAG S . -2.57 -42.65 25.05
C5 NAG S . -1.51 -41.65 25.45
C6 NAG S . -1.43 -41.51 26.96
C7 NAG S . -2.16 -44.12 20.96
C8 NAG S . -1.78 -44.91 19.75
N2 NAG S . -1.26 -43.54 21.70
O3 NAG S . -3.34 -44.07 23.39
O4 NAG S . -3.86 -42.19 25.41
O5 NAG S . -0.26 -42.11 24.97
O6 NAG S . -1.18 -42.79 27.54
O7 NAG S . -3.27 -44.03 21.25
#